data_3AEB
#
_entry.id   3AEB
#
_cell.length_a   71.708
_cell.length_b   84.255
_cell.length_c   294.707
_cell.angle_alpha   90.000
_cell.angle_beta   90.000
_cell.angle_gamma   90.000
#
_symmetry.space_group_name_H-M   'P 21 21 21'
#
loop_
_entity.id
_entity.type
_entity.pdbx_description
1 polymer 'Succinate dehydrogenase [ubiquinone] flavoprotein subunit, mitochondrial'
2 polymer 'Succinate dehydrogenase [ubiquinone] iron-sulfur subunit, mitochondrial'
3 polymer 'Succinate dehydrogenase cytochrome b560 subunit, mitochondrial'
4 polymer 'Succinate dehydrogenase [ubiquinone] cytochrome b small subunit, mitochondrial'
5 non-polymer 'FLAVIN-ADENINE DINUCLEOTIDE'
6 non-polymer 'MALONATE ION'
7 non-polymer 'FE2/S2 (INORGANIC) CLUSTER'
8 non-polymer 'FE3-S4 CLUSTER'
9 non-polymer 'IRON/SULFUR CLUSTER'
10 non-polymer 'PROTOPORPHYRIN IX CONTAINING FE'
11 non-polymer N-(3-phenoxyphenyl)-2-(trifluoromethyl)benzamide
12 non-polymer L-ALPHA-PHOSPHATIDYL-BETA-OLEOYL-GAMMA-PALMITOYL-PHOSPHATIDYLETHANOLAMINE
#
loop_
_entity_poly.entity_id
_entity_poly.type
_entity_poly.pdbx_seq_one_letter_code
_entity_poly.pdbx_strand_id
1 'polypeptide(L)'
;SSAKVSDAISTQYPVVDHEFDAVVVGAGGAGLRAAFGLSEAGFNTACVTKLFPTRSHTVAAQGGINAALGNMEEDNWRWH
FYDTVKGSDWLGDQDAIHYMTEQAPASVVELENYGMPFSRTEDGKIYQRAFGGQSLKFGKGGQAHRCCCVADRTGHSLLH
TLYGRSLRYDTSYFVEYFALDLLMENGECRGVIALCIEDGSIHRIRARNTVVATGGYGRTYFSCTSAHTSTGDGTAMVTR
AGLPCQDLEFVQFHPTGIYGAGCLITEGCRGEGGILINSQGERFMERYAPVAKDLASRDVVSRSMTLEIREGRGCGPEKD
HVYLQLHHLPPEQLAVRLPGISETAMIFAGVDVTKEPIPVLPTVHYNMGGIPTNYKGQVLRHVNGQDQVVPGLYACGEAA
CASVHGANRLGANSLLDLVVFGRACALSIAESCRPGDKVPSIKPNAGEESVMNLDKLRFANGTIRTSELRLSMQKSMQSH
AAVFRVGSVLQEGCEKILRLYGDLQHLKTFDRGMVWNTDLVETLELQNLMLCALQTIYGAEARKESRGAHAREDFKERVD
EYDYSKPIQGQQKKPFQEHWRKHTLSYVDVKTGKVSLEYRPVIDKTLNEADCATVPPAIRSY
;
A
2 'polypeptide(L)'
;AQTAAATAPRIKKFAIYRWDPDKTGDKPHMQTYEIDLNNCGPMVLDALIKIKNEIDSTLTFRRSCREGICGSCAMNINGG
NTLACTRRIDTNLDKVSKIYPLPHMYVIKDLVPDLSNFYAQYKSIEPYLKKKDESQEGKQQYLQSIEEREKLDGLYECIL
CACCSTSCPSYWWNGDKYLGPAVLMQAYRWMIDSRDDFTEERLAKLQDPFSLYRCHTIMNCTGTCPKGLNPGKAIAEIKK
MMATYKEKKASA
;
B
3 'polypeptide(L)'
;LGTTAKEEMERFWNKNLGSNRPLSPHITIYRWSLPMAMSICHRGTGIALSAGVSLFGLSALLLPGNFESHLELVKSLCLG
PTLIYTAKFGIVFPLMYHTWNGIRHLIWDLGKGLTIPQLTQSGVVVLILTVLSSVGLAAM
;
C
4 'polypeptide(L)'
;ASSKAASLHWTGERVVSVLLLGLLPAAYLNPCSAMDYSLAAALTLHGHWGIGQVVTDYVRGDALQKAAKAGLLALSAFTF
AGLCYFNYHDVGICKAVAMLWKL
;
D
#
# COMPACT_ATOMS: atom_id res chain seq x y z
N SER A 10 -2.88 -30.73 -18.09
CA SER A 10 -3.20 -31.97 -18.86
C SER A 10 -3.61 -33.09 -17.92
N THR A 11 -4.86 -33.08 -17.50
CA THR A 11 -5.42 -34.06 -16.54
C THR A 11 -4.76 -34.06 -15.15
N GLN A 12 -3.78 -33.17 -14.96
CA GLN A 12 -3.16 -32.99 -13.64
C GLN A 12 -3.32 -31.49 -13.35
N TYR A 13 -3.71 -30.73 -14.36
CA TYR A 13 -4.02 -29.30 -14.21
C TYR A 13 -5.48 -29.01 -14.54
N PRO A 14 -6.21 -28.38 -13.60
CA PRO A 14 -7.59 -27.98 -13.88
C PRO A 14 -7.62 -26.70 -14.71
N VAL A 15 -8.47 -26.67 -15.74
CA VAL A 15 -8.64 -25.48 -16.58
C VAL A 15 -10.05 -24.88 -16.44
N VAL A 16 -10.11 -23.64 -15.99
CA VAL A 16 -11.39 -22.94 -15.79
C VAL A 16 -11.53 -21.81 -16.82
N ASP A 17 -12.50 -21.95 -17.71
CA ASP A 17 -12.74 -20.96 -18.76
C ASP A 17 -13.72 -19.88 -18.31
N HIS A 18 -13.31 -18.62 -18.48
CA HIS A 18 -14.14 -17.47 -18.16
C HIS A 18 -14.53 -16.74 -19.45
N GLU A 19 -15.55 -15.90 -19.38
CA GLU A 19 -16.00 -15.13 -20.54
C GLU A 19 -16.34 -13.69 -20.16
N PHE A 20 -15.69 -12.73 -20.83
CA PHE A 20 -15.90 -11.29 -20.55
C PHE A 20 -15.90 -10.47 -21.84
N ASP A 21 -16.35 -9.21 -21.72
CA ASP A 21 -16.27 -8.26 -22.83
C ASP A 21 -14.83 -7.79 -23.03
N ALA A 22 -14.17 -7.47 -21.91
CA ALA A 22 -12.81 -6.94 -21.93
C ALA A 22 -12.01 -7.44 -20.73
N VAL A 23 -10.71 -7.66 -20.95
CA VAL A 23 -9.77 -8.02 -19.88
C VAL A 23 -8.68 -6.96 -19.78
N VAL A 24 -8.44 -6.49 -18.56
CA VAL A 24 -7.32 -5.61 -18.28
C VAL A 24 -6.31 -6.39 -17.46
N VAL A 25 -5.06 -6.44 -17.94
CA VAL A 25 -3.98 -7.11 -17.23
C VAL A 25 -3.11 -6.04 -16.58
N GLY A 26 -3.35 -5.81 -15.29
CA GLY A 26 -2.64 -4.79 -14.53
C GLY A 26 -3.58 -4.07 -13.58
N ALA A 27 -3.07 -3.75 -12.39
CA ALA A 27 -3.88 -3.08 -11.37
C ALA A 27 -3.20 -1.82 -10.82
N GLY A 28 -2.28 -1.27 -11.59
CA GLY A 28 -1.67 0.00 -11.24
C GLY A 28 -2.56 1.17 -11.63
N GLY A 29 -1.96 2.32 -11.86
CA GLY A 29 -2.69 3.50 -12.30
C GLY A 29 -3.41 3.24 -13.60
N ALA A 30 -2.64 2.85 -14.63
CA ALA A 30 -3.18 2.54 -15.94
C ALA A 30 -4.22 1.41 -15.86
N GLY A 31 -3.84 0.32 -15.22
CA GLY A 31 -4.68 -0.87 -15.09
C GLY A 31 -6.04 -0.59 -14.50
N LEU A 32 -6.04 0.13 -13.37
CA LEU A 32 -7.28 0.51 -12.69
C LEU A 32 -8.14 1.46 -13.53
N ARG A 33 -7.56 2.58 -13.96
CA ARG A 33 -8.27 3.59 -14.73
C ARG A 33 -8.94 3.01 -15.99
N ALA A 34 -8.24 2.08 -16.64
CA ALA A 34 -8.78 1.38 -17.79
C ALA A 34 -9.88 0.40 -17.38
N ALA A 35 -9.63 -0.35 -16.30
CA ALA A 35 -10.56 -1.37 -15.81
C ALA A 35 -11.94 -0.81 -15.52
N PHE A 36 -12.03 0.14 -14.58
CA PHE A 36 -13.34 0.71 -14.23
C PHE A 36 -13.85 1.69 -15.29
N GLY A 37 -12.94 2.23 -16.11
CA GLY A 37 -13.31 3.05 -17.26
C GLY A 37 -14.14 2.25 -18.25
N LEU A 38 -13.74 1.00 -18.47
CA LEU A 38 -14.47 0.06 -19.29
C LEU A 38 -15.81 -0.31 -18.69
N SER A 39 -15.83 -0.57 -17.39
CA SER A 39 -17.08 -0.91 -16.68
C SER A 39 -18.06 0.25 -16.64
N GLU A 40 -17.53 1.46 -16.48
CA GLU A 40 -18.32 2.70 -16.51
C GLU A 40 -19.02 2.86 -17.86
N ALA A 41 -18.32 2.50 -18.94
CA ALA A 41 -18.86 2.58 -20.30
C ALA A 41 -19.87 1.46 -20.58
N GLY A 42 -20.05 0.57 -19.60
CA GLY A 42 -21.07 -0.48 -19.68
C GLY A 42 -20.55 -1.85 -20.08
N PHE A 43 -19.23 -2.03 -20.05
CA PHE A 43 -18.60 -3.29 -20.45
C PHE A 43 -18.38 -4.24 -19.28
N ASN A 44 -18.74 -5.50 -19.47
CA ASN A 44 -18.44 -6.55 -18.50
C ASN A 44 -16.94 -6.84 -18.51
N THR A 45 -16.23 -6.24 -17.55
CA THR A 45 -14.77 -6.22 -17.56
C THR A 45 -14.17 -7.12 -16.48
N ALA A 46 -13.06 -7.76 -16.82
CA ALA A 46 -12.25 -8.48 -15.84
C ALA A 46 -10.91 -7.76 -15.67
N CYS A 47 -10.33 -7.86 -14.47
CA CYS A 47 -9.03 -7.28 -14.18
C CYS A 47 -8.10 -8.30 -13.55
N VAL A 48 -7.04 -8.65 -14.28
CA VAL A 48 -6.11 -9.69 -13.83
C VAL A 48 -4.81 -9.07 -13.31
N THR A 49 -4.51 -9.36 -12.04
CA THR A 49 -3.35 -8.77 -11.37
C THR A 49 -2.67 -9.75 -10.41
N LYS A 50 -1.35 -9.79 -10.45
CA LYS A 50 -0.57 -10.70 -9.60
C LYS A 50 -0.41 -10.17 -8.17
N LEU A 51 -0.78 -8.91 -7.97
CA LEU A 51 -0.76 -8.27 -6.67
C LEU A 51 -2.13 -7.69 -6.35
N PHE A 52 -2.38 -7.43 -5.08
CA PHE A 52 -3.53 -6.62 -4.70
C PHE A 52 -3.29 -5.20 -5.27
N PRO A 53 -4.34 -4.59 -5.86
CA PRO A 53 -4.17 -3.33 -6.59
C PRO A 53 -3.38 -2.23 -5.87
N THR A 54 -3.57 -2.11 -4.55
CA THR A 54 -2.85 -1.11 -3.76
C THR A 54 -1.35 -1.39 -3.69
N ARG A 55 -0.97 -2.66 -3.70
CA ARG A 55 0.43 -3.08 -3.63
C ARG A 55 1.21 -2.72 -4.90
N SER A 56 0.48 -2.36 -5.95
CA SER A 56 1.08 -2.02 -7.24
C SER A 56 2.07 -0.89 -7.12
N HIS A 57 3.07 -0.81 -8.00
CA HIS A 57 4.17 0.15 -7.86
C HIS A 57 3.76 1.59 -7.84
N THR A 58 2.72 1.96 -8.55
CA THR A 58 2.37 3.38 -8.59
C THR A 58 2.21 3.95 -7.19
N VAL A 59 1.95 3.09 -6.21
CA VAL A 59 1.87 3.50 -4.80
C VAL A 59 3.17 4.17 -4.34
N ALA A 60 4.28 3.74 -4.92
CA ALA A 60 5.60 4.25 -4.56
C ALA A 60 5.88 5.65 -5.08
N ALA A 61 5.07 6.12 -6.03
CA ALA A 61 5.25 7.42 -6.67
C ALA A 61 5.22 8.59 -5.69
N GLN A 62 6.15 9.51 -5.87
CA GLN A 62 6.42 10.55 -4.86
C GLN A 62 6.30 11.99 -5.36
N GLY A 63 6.76 12.24 -6.59
CA GLY A 63 6.85 13.58 -7.15
C GLY A 63 5.51 14.26 -7.38
N GLY A 64 4.83 13.85 -8.43
CA GLY A 64 3.51 14.39 -8.76
C GLY A 64 3.00 13.98 -10.12
N ILE A 65 1.91 14.61 -10.53
CA ILE A 65 1.28 14.39 -11.82
C ILE A 65 1.09 15.74 -12.54
N ASN A 66 1.67 15.86 -13.73
CA ASN A 66 1.66 17.12 -14.48
C ASN A 66 0.35 17.44 -15.17
N ALA A 67 -0.11 18.67 -15.00
CA ALA A 67 -1.27 19.20 -15.72
C ALA A 67 -1.19 20.72 -15.72
N ALA A 68 -1.42 21.31 -16.88
CA ALA A 68 -1.32 22.77 -17.02
C ALA A 68 -2.58 23.48 -16.53
N LEU A 69 -2.93 23.24 -15.27
CA LEU A 69 -4.11 23.84 -14.65
C LEU A 69 -3.93 25.34 -14.40
N GLY A 70 -2.68 25.77 -14.28
CA GLY A 70 -2.35 27.18 -14.07
C GLY A 70 -2.82 27.69 -12.74
N ASN A 71 -2.36 27.06 -11.66
CA ASN A 71 -2.74 27.42 -10.30
C ASN A 71 -1.72 28.30 -9.59
N MET A 72 -0.45 28.13 -9.97
CA MET A 72 0.64 28.91 -9.40
C MET A 72 0.84 30.19 -10.19
N GLU A 73 0.99 30.04 -11.50
CA GLU A 73 1.06 31.15 -12.45
C GLU A 73 0.16 30.82 -13.64
N GLU A 74 -0.07 31.79 -14.53
CA GLU A 74 -0.84 31.51 -15.75
C GLU A 74 -0.09 30.56 -16.68
N ASP A 75 -0.79 29.53 -17.14
CA ASP A 75 -0.17 28.44 -17.89
C ASP A 75 -0.98 28.07 -19.14
N ASN A 76 -0.34 27.35 -20.06
CA ASN A 76 -0.97 26.85 -21.27
C ASN A 76 -0.52 25.40 -21.48
N TRP A 77 -1.44 24.53 -21.87
CA TRP A 77 -1.13 23.10 -22.05
C TRP A 77 -0.16 22.84 -23.20
N ARG A 78 -0.15 23.74 -24.18
CA ARG A 78 0.77 23.67 -25.31
C ARG A 78 2.22 23.86 -24.84
N TRP A 79 2.41 24.63 -23.77
CA TRP A 79 3.73 24.81 -23.17
C TRP A 79 4.22 23.50 -22.55
N HIS A 80 3.29 22.71 -22.03
CA HIS A 80 3.58 21.38 -21.50
C HIS A 80 3.91 20.44 -22.65
N PHE A 81 3.19 20.58 -23.76
CA PHE A 81 3.46 19.84 -24.99
C PHE A 81 4.91 20.04 -25.44
N TYR A 82 5.30 21.30 -25.61
CA TYR A 82 6.65 21.65 -26.06
C TYR A 82 7.74 21.05 -25.16
N ASP A 83 7.53 21.13 -23.85
CA ASP A 83 8.51 20.63 -22.88
C ASP A 83 8.69 19.11 -22.97
N THR A 84 7.59 18.41 -23.20
CA THR A 84 7.60 16.95 -23.30
C THR A 84 8.34 16.48 -24.56
N VAL A 85 7.98 17.05 -25.71
CA VAL A 85 8.61 16.67 -26.97
C VAL A 85 10.10 17.04 -26.97
N LYS A 86 10.43 18.20 -26.42
CA LYS A 86 11.84 18.62 -26.30
C LYS A 86 12.60 17.64 -25.42
N GLY A 87 11.99 17.23 -24.31
CA GLY A 87 12.59 16.25 -23.41
C GLY A 87 12.73 14.88 -24.05
N SER A 88 11.78 14.54 -24.92
CA SER A 88 11.77 13.24 -25.59
C SER A 88 12.87 13.10 -26.64
N ASP A 89 13.66 14.16 -26.79
CA ASP A 89 14.77 14.22 -27.76
C ASP A 89 14.32 13.87 -29.18
N TRP A 90 13.08 14.26 -29.49
CA TRP A 90 12.44 14.04 -30.80
C TRP A 90 12.35 12.59 -31.25
N LEU A 91 12.20 11.70 -30.28
CA LEU A 91 11.84 10.31 -30.52
C LEU A 91 10.41 10.10 -30.01
N GLY A 92 9.88 11.12 -29.34
CA GLY A 92 8.50 11.10 -28.87
C GLY A 92 7.52 11.35 -30.00
N ASP A 93 6.47 10.53 -30.05
CA ASP A 93 5.44 10.65 -31.07
C ASP A 93 4.46 11.76 -30.72
N GLN A 94 4.53 12.85 -31.47
CA GLN A 94 3.85 14.11 -31.13
C GLN A 94 2.33 14.04 -31.20
N ASP A 95 1.80 13.07 -31.94
CA ASP A 95 0.36 12.84 -31.98
C ASP A 95 -0.15 12.39 -30.60
N ALA A 96 0.64 11.57 -29.92
CA ALA A 96 0.31 11.06 -28.60
C ALA A 96 0.61 12.07 -27.50
N ILE A 97 1.57 12.96 -27.75
CA ILE A 97 1.93 14.01 -26.79
C ILE A 97 0.91 15.15 -26.80
N HIS A 98 0.44 15.50 -27.99
CA HIS A 98 -0.69 16.41 -28.15
C HIS A 98 -1.84 15.92 -27.28
N TYR A 99 -2.24 14.66 -27.48
CA TYR A 99 -3.40 14.07 -26.79
C TYR A 99 -3.27 14.06 -25.28
N MET A 100 -2.07 13.74 -24.79
CA MET A 100 -1.82 13.62 -23.35
C MET A 100 -1.87 14.97 -22.64
N THR A 101 -1.20 15.96 -23.21
CA THR A 101 -1.05 17.27 -22.57
C THR A 101 -2.34 18.09 -22.60
N GLU A 102 -3.11 17.92 -23.68
CA GLU A 102 -4.42 18.57 -23.79
C GLU A 102 -5.39 17.99 -22.76
N GLN A 103 -5.38 16.67 -22.63
CA GLN A 103 -6.26 15.96 -21.70
C GLN A 103 -5.81 16.14 -20.25
N ALA A 104 -4.53 16.47 -20.06
CA ALA A 104 -3.93 16.58 -18.72
C ALA A 104 -4.77 17.32 -17.66
N PRO A 105 -5.26 18.54 -17.97
CA PRO A 105 -6.09 19.23 -16.98
C PRO A 105 -7.37 18.46 -16.62
N ALA A 106 -8.08 17.97 -17.63
CA ALA A 106 -9.31 17.22 -17.41
C ALA A 106 -9.09 15.93 -16.61
N SER A 107 -7.94 15.29 -16.84
CA SER A 107 -7.59 14.04 -16.18
C SER A 107 -7.25 14.23 -14.70
N VAL A 108 -6.60 15.34 -14.38
CA VAL A 108 -6.20 15.64 -12.99
C VAL A 108 -7.36 16.22 -12.19
N VAL A 109 -8.19 17.04 -12.84
CA VAL A 109 -9.44 17.51 -12.23
C VAL A 109 -10.32 16.31 -11.89
N GLU A 110 -10.39 15.35 -12.82
CA GLU A 110 -11.15 14.12 -12.63
C GLU A 110 -10.72 13.40 -11.35
N LEU A 111 -9.42 13.22 -11.18
CA LEU A 111 -8.85 12.54 -10.01
C LEU A 111 -9.20 13.26 -8.72
N GLU A 112 -9.09 14.58 -8.71
CA GLU A 112 -9.43 15.39 -7.55
C GLU A 112 -10.91 15.24 -7.25
N ASN A 113 -11.74 15.18 -8.29
CA ASN A 113 -13.16 14.95 -8.14
C ASN A 113 -13.51 13.52 -7.71
N TYR A 114 -12.60 12.57 -8.00
CA TYR A 114 -12.73 11.20 -7.50
C TYR A 114 -12.50 11.14 -6.00
N GLY A 115 -11.71 12.10 -5.48
CA GLY A 115 -11.45 12.21 -4.05
C GLY A 115 -10.00 12.31 -3.66
N MET A 116 -9.10 12.37 -4.65
CA MET A 116 -7.66 12.47 -4.40
C MET A 116 -7.35 13.70 -3.56
N PRO A 117 -6.64 13.51 -2.43
CA PRO A 117 -6.43 14.61 -1.50
C PRO A 117 -5.21 15.46 -1.85
N PHE A 118 -5.27 16.17 -2.98
CA PHE A 118 -4.19 17.06 -3.40
C PHE A 118 -3.87 18.12 -2.34
N SER A 119 -2.58 18.43 -2.21
CA SER A 119 -2.16 19.54 -1.36
C SER A 119 -2.71 20.84 -1.94
N ARG A 120 -2.97 21.82 -1.08
CA ARG A 120 -3.72 23.01 -1.48
C ARG A 120 -2.94 24.32 -1.37
N THR A 121 -3.53 25.38 -1.91
CA THR A 121 -2.92 26.71 -1.90
C THR A 121 -3.70 27.67 -1.02
N GLU A 122 -3.43 28.96 -1.18
CA GLU A 122 -4.17 30.02 -0.51
C GLU A 122 -5.56 30.14 -1.12
N ASP A 123 -5.66 29.79 -2.41
CA ASP A 123 -6.90 29.89 -3.18
C ASP A 123 -7.82 28.70 -2.97
N GLY A 124 -7.25 27.58 -2.52
CA GLY A 124 -8.01 26.34 -2.32
C GLY A 124 -7.87 25.38 -3.47
N LYS A 125 -7.15 25.80 -4.50
CA LYS A 125 -6.91 24.98 -5.69
C LYS A 125 -5.74 24.00 -5.48
N ILE A 126 -5.58 23.08 -6.42
CA ILE A 126 -4.53 22.06 -6.36
C ILE A 126 -3.14 22.68 -6.43
N TYR A 127 -2.32 22.38 -5.43
CA TYR A 127 -0.95 22.87 -5.35
C TYR A 127 -0.05 22.17 -6.37
N GLN A 128 0.58 22.99 -7.22
CA GLN A 128 1.54 22.51 -8.21
C GLN A 128 2.93 22.98 -7.81
N ARG A 129 3.95 22.29 -8.29
CA ARG A 129 5.33 22.71 -8.02
C ARG A 129 6.29 22.52 -9.19
N ALA A 130 7.44 23.20 -9.12
CA ALA A 130 8.48 23.10 -10.13
C ALA A 130 9.04 21.69 -10.20
N PHE A 131 9.42 21.28 -11.41
CA PHE A 131 9.93 19.94 -11.65
C PHE A 131 10.90 19.97 -12.83
N GLY A 132 11.82 19.01 -12.87
CA GLY A 132 12.87 18.97 -13.87
C GLY A 132 12.40 18.89 -15.32
N GLY A 133 12.79 19.89 -16.11
CA GLY A 133 12.55 19.89 -17.55
C GLY A 133 11.39 20.73 -18.06
N GLN A 134 10.72 21.45 -17.14
CA GLN A 134 9.52 22.20 -17.48
C GLN A 134 9.69 23.71 -17.47
N SER A 135 9.10 24.36 -18.47
CA SER A 135 9.25 25.81 -18.71
C SER A 135 7.98 26.47 -19.22
N LEU A 136 7.90 27.79 -19.07
CA LEU A 136 6.79 28.58 -19.59
C LEU A 136 7.15 29.20 -20.94
N LYS A 137 6.14 29.70 -21.64
CA LYS A 137 6.31 30.39 -22.94
C LYS A 137 7.21 29.64 -23.94
N PHE A 138 6.93 28.35 -24.13
CA PHE A 138 7.68 27.49 -25.04
C PHE A 138 9.20 27.53 -24.81
N GLY A 139 9.61 27.48 -23.54
CA GLY A 139 11.04 27.46 -23.19
C GLY A 139 11.61 28.81 -22.80
N LYS A 140 11.06 29.87 -23.39
CA LYS A 140 11.59 31.23 -23.23
C LYS A 140 11.23 31.87 -21.89
N GLY A 141 10.08 31.51 -21.34
CA GLY A 141 9.52 32.19 -20.17
C GLY A 141 9.86 31.65 -18.80
N GLY A 142 10.99 30.95 -18.69
CA GLY A 142 11.50 30.49 -17.39
C GLY A 142 10.81 29.27 -16.79
N GLN A 143 11.05 29.04 -15.50
CA GLN A 143 10.60 27.84 -14.79
C GLN A 143 9.08 27.72 -14.65
N ALA A 144 8.57 26.53 -14.91
CA ALA A 144 7.13 26.24 -14.83
C ALA A 144 6.76 25.47 -13.56
N HIS A 145 5.56 25.73 -13.06
CA HIS A 145 5.05 25.10 -11.84
C HIS A 145 3.70 24.45 -12.12
N ARG A 146 3.72 23.26 -12.73
CA ARG A 146 2.49 22.55 -13.09
C ARG A 146 2.45 21.10 -12.59
N CYS A 147 3.32 20.78 -11.64
CA CYS A 147 3.38 19.44 -11.07
C CYS A 147 2.41 19.32 -9.89
N CYS A 148 1.21 18.82 -10.17
CA CYS A 148 0.18 18.60 -9.15
C CYS A 148 0.60 17.47 -8.22
N CYS A 149 0.43 17.66 -6.92
CA CYS A 149 0.91 16.67 -5.96
C CYS A 149 0.13 16.59 -4.65
N VAL A 150 0.04 15.36 -4.13
CA VAL A 150 -0.43 15.12 -2.77
C VAL A 150 0.76 15.00 -1.82
N ALA A 151 1.37 16.14 -1.51
CA ALA A 151 2.59 16.21 -0.70
C ALA A 151 3.59 15.28 -1.39
N ASP A 152 4.23 14.42 -0.60
CA ASP A 152 5.25 13.51 -1.10
C ASP A 152 4.73 12.12 -1.50
N ARG A 153 3.44 11.89 -1.27
CA ARG A 153 2.84 10.57 -1.44
C ARG A 153 1.69 10.62 -2.46
N THR A 154 1.95 11.30 -3.58
CA THR A 154 0.95 11.50 -4.63
C THR A 154 0.60 10.22 -5.39
N GLY A 155 1.60 9.39 -5.65
CA GLY A 155 1.36 8.11 -6.32
C GLY A 155 0.54 7.18 -5.45
N HIS A 156 0.83 7.21 -4.15
CA HIS A 156 0.07 6.46 -3.15
C HIS A 156 -1.40 6.88 -3.15
N SER A 157 -1.65 8.19 -3.16
CA SER A 157 -3.00 8.75 -3.18
C SER A 157 -3.72 8.49 -4.49
N LEU A 158 -2.99 8.62 -5.61
CA LEU A 158 -3.55 8.33 -6.93
C LEU A 158 -4.07 6.90 -7.01
N LEU A 159 -3.28 5.95 -6.51
CA LEU A 159 -3.64 4.54 -6.59
C LEU A 159 -4.79 4.19 -5.65
N HIS A 160 -4.82 4.85 -4.49
CA HIS A 160 -5.83 4.55 -3.48
C HIS A 160 -7.20 5.11 -3.81
N THR A 161 -7.24 6.24 -4.52
CA THR A 161 -8.52 6.81 -4.90
C THR A 161 -9.07 6.10 -6.13
N LEU A 162 -8.18 5.75 -7.07
CA LEU A 162 -8.56 4.95 -8.23
C LEU A 162 -9.13 3.60 -7.82
N TYR A 163 -8.46 2.94 -6.88
CA TYR A 163 -8.98 1.68 -6.34
C TYR A 163 -10.27 1.93 -5.59
N GLY A 164 -10.31 2.99 -4.78
CA GLY A 164 -11.52 3.38 -4.07
C GLY A 164 -12.69 3.49 -5.02
N ARG A 165 -12.51 4.28 -6.08
CA ARG A 165 -13.52 4.46 -7.13
C ARG A 165 -13.90 3.17 -7.83
N SER A 166 -12.93 2.28 -8.01
CA SER A 166 -13.14 1.04 -8.76
C SER A 166 -14.21 0.14 -8.15
N LEU A 167 -14.41 0.24 -6.83
CA LEU A 167 -15.39 -0.59 -6.12
C LEU A 167 -16.84 -0.17 -6.41
N ARG A 168 -17.01 1.00 -6.99
CA ARG A 168 -18.33 1.55 -7.33
C ARG A 168 -18.95 0.82 -8.53
N TYR A 169 -18.13 0.04 -9.24
CA TYR A 169 -18.58 -0.69 -10.43
C TYR A 169 -18.45 -2.20 -10.25
N ASP A 170 -19.07 -2.96 -11.14
CA ASP A 170 -19.10 -4.43 -11.02
C ASP A 170 -18.02 -5.16 -11.83
N THR A 171 -16.81 -4.58 -11.85
CA THR A 171 -15.65 -5.21 -12.47
C THR A 171 -15.25 -6.45 -11.68
N SER A 172 -14.84 -7.51 -12.38
CA SER A 172 -14.36 -8.74 -11.75
C SER A 172 -12.85 -8.68 -11.55
N TYR A 173 -12.41 -8.72 -10.29
CA TYR A 173 -10.98 -8.59 -9.99
C TYR A 173 -10.37 -9.94 -9.63
N PHE A 174 -9.54 -10.44 -10.55
CA PHE A 174 -8.78 -11.65 -10.32
C PHE A 174 -7.49 -11.28 -9.57
N VAL A 175 -7.62 -11.19 -8.25
CA VAL A 175 -6.53 -10.74 -7.38
C VAL A 175 -5.52 -11.87 -7.16
N GLU A 176 -4.25 -11.51 -7.24
CA GLU A 176 -3.14 -12.47 -7.16
C GLU A 176 -3.32 -13.61 -8.17
N TYR A 177 -3.42 -13.20 -9.43
CA TYR A 177 -3.44 -14.10 -10.58
C TYR A 177 -2.29 -13.69 -11.50
N PHE A 178 -1.46 -14.66 -11.87
CA PHE A 178 -0.29 -14.38 -12.69
C PHE A 178 -0.55 -14.70 -14.16
N ALA A 179 -0.61 -13.67 -14.99
CA ALA A 179 -0.81 -13.84 -16.43
C ALA A 179 0.43 -14.45 -17.07
N LEU A 180 0.22 -15.56 -17.78
CA LEU A 180 1.32 -16.31 -18.38
C LEU A 180 1.58 -15.87 -19.81
N ASP A 181 0.53 -15.95 -20.64
CA ASP A 181 0.60 -15.59 -22.06
C ASP A 181 -0.74 -15.03 -22.53
N LEU A 182 -0.72 -14.38 -23.69
CA LEU A 182 -1.94 -13.92 -24.33
C LEU A 182 -2.56 -15.07 -25.12
N LEU A 183 -3.88 -15.15 -25.11
CA LEU A 183 -4.59 -16.08 -25.97
C LEU A 183 -4.66 -15.47 -27.36
N MET A 184 -3.85 -16.01 -28.27
CA MET A 184 -3.71 -15.44 -29.60
C MET A 184 -4.14 -16.46 -30.66
N GLU A 185 -4.99 -16.02 -31.58
CA GLU A 185 -5.42 -16.87 -32.69
C GLU A 185 -5.42 -16.09 -34.01
N ASN A 186 -4.55 -16.51 -34.93
CA ASN A 186 -4.41 -15.91 -36.25
C ASN A 186 -4.17 -14.41 -36.24
N GLY A 187 -3.27 -13.97 -35.35
CA GLY A 187 -2.91 -12.56 -35.25
C GLY A 187 -3.81 -11.75 -34.33
N GLU A 188 -5.01 -12.24 -34.08
CA GLU A 188 -5.99 -11.55 -33.24
C GLU A 188 -5.91 -12.03 -31.79
N CYS A 189 -6.02 -11.08 -30.85
CA CYS A 189 -5.96 -11.41 -29.43
C CYS A 189 -7.35 -11.76 -28.89
N ARG A 190 -7.38 -12.78 -28.04
CA ARG A 190 -8.64 -13.36 -27.56
C ARG A 190 -8.76 -13.34 -26.04
N GLY A 191 -7.72 -12.88 -25.36
CA GLY A 191 -7.69 -12.83 -23.91
C GLY A 191 -6.36 -13.26 -23.33
N VAL A 192 -6.39 -13.77 -22.11
CA VAL A 192 -5.17 -14.24 -21.43
C VAL A 192 -5.36 -15.57 -20.72
N ILE A 193 -4.28 -16.36 -20.70
CA ILE A 193 -4.20 -17.55 -19.84
C ILE A 193 -3.41 -17.13 -18.60
N ALA A 194 -3.91 -17.53 -17.42
CA ALA A 194 -3.33 -17.09 -16.16
C ALA A 194 -3.29 -18.17 -15.09
N LEU A 195 -2.35 -18.03 -14.15
CA LEU A 195 -2.22 -18.93 -13.01
C LEU A 195 -2.86 -18.30 -11.78
N CYS A 196 -3.76 -19.04 -11.14
CA CYS A 196 -4.30 -18.64 -9.86
C CYS A 196 -3.32 -19.03 -8.77
N ILE A 197 -2.68 -18.04 -8.15
CA ILE A 197 -1.64 -18.28 -7.15
C ILE A 197 -2.16 -19.05 -5.93
N GLU A 198 -3.40 -18.76 -5.54
CA GLU A 198 -4.01 -19.33 -4.34
C GLU A 198 -4.14 -20.86 -4.34
N ASP A 199 -4.53 -21.44 -5.48
CA ASP A 199 -4.74 -22.90 -5.57
C ASP A 199 -3.99 -23.60 -6.71
N GLY A 200 -3.25 -22.83 -7.49
CA GLY A 200 -2.43 -23.38 -8.57
C GLY A 200 -3.18 -23.72 -9.84
N SER A 201 -4.46 -23.36 -9.89
CA SER A 201 -5.30 -23.66 -11.05
C SER A 201 -5.04 -22.70 -12.20
N ILE A 202 -5.40 -23.13 -13.41
CA ILE A 202 -5.14 -22.34 -14.62
C ILE A 202 -6.45 -21.83 -15.22
N HIS A 203 -6.47 -20.54 -15.54
CA HIS A 203 -7.70 -19.86 -15.97
C HIS A 203 -7.57 -19.16 -17.32
N ARG A 204 -8.28 -19.68 -18.31
CA ARG A 204 -8.41 -19.04 -19.61
C ARG A 204 -9.52 -18.01 -19.54
N ILE A 205 -9.13 -16.74 -19.55
CA ILE A 205 -10.08 -15.64 -19.48
C ILE A 205 -10.16 -14.98 -20.87
N ARG A 206 -11.23 -15.29 -21.59
CA ARG A 206 -11.39 -14.78 -22.96
C ARG A 206 -12.27 -13.53 -23.05
N ALA A 207 -11.89 -12.63 -23.96
CA ALA A 207 -12.62 -11.39 -24.18
C ALA A 207 -12.44 -10.90 -25.61
N ARG A 208 -13.26 -9.93 -26.00
CA ARG A 208 -13.18 -9.30 -27.31
C ARG A 208 -11.97 -8.37 -27.40
N ASN A 209 -11.61 -7.78 -26.27
CA ASN A 209 -10.47 -6.87 -26.18
C ASN A 209 -9.64 -7.12 -24.94
N THR A 210 -8.32 -6.96 -25.08
CA THR A 210 -7.38 -7.14 -23.99
C THR A 210 -6.57 -5.86 -23.82
N VAL A 211 -6.40 -5.42 -22.57
CA VAL A 211 -5.57 -4.26 -22.27
C VAL A 211 -4.38 -4.72 -21.41
N VAL A 212 -3.17 -4.45 -21.89
CA VAL A 212 -1.97 -4.77 -21.12
C VAL A 212 -1.47 -3.53 -20.41
N ALA A 213 -1.50 -3.59 -19.07
CA ALA A 213 -0.98 -2.49 -18.25
C ALA A 213 -0.12 -3.03 -17.10
N THR A 214 0.88 -3.82 -17.46
CA THR A 214 1.72 -4.55 -16.50
C THR A 214 2.91 -3.76 -15.96
N GLY A 215 3.08 -2.53 -16.43
CA GLY A 215 4.19 -1.69 -15.97
C GLY A 215 5.55 -2.09 -16.51
N GLY A 216 6.61 -1.58 -15.87
CA GLY A 216 7.98 -1.71 -16.39
C GLY A 216 8.75 -2.96 -15.98
N TYR A 217 10.01 -3.00 -16.41
CA TYR A 217 10.90 -4.14 -16.17
C TYR A 217 12.21 -3.73 -15.49
N GLY A 218 12.11 -2.78 -14.56
CA GLY A 218 13.27 -2.27 -13.84
C GLY A 218 14.15 -3.33 -13.18
N ARG A 219 13.59 -4.50 -12.91
CA ARG A 219 14.32 -5.58 -12.23
C ARG A 219 15.28 -6.37 -13.14
N THR A 220 15.48 -5.89 -14.38
CA THR A 220 16.51 -6.44 -15.25
C THR A 220 17.91 -6.07 -14.75
N TYR A 221 17.97 -5.01 -13.95
CA TYR A 221 19.22 -4.46 -13.43
C TYR A 221 19.45 -4.80 -11.96
N PHE A 222 20.68 -4.63 -11.49
CA PHE A 222 21.04 -4.91 -10.09
C PHE A 222 20.62 -3.78 -9.17
N SER A 223 20.51 -2.57 -9.71
CA SER A 223 20.15 -1.39 -8.92
C SER A 223 19.00 -0.61 -9.56
N CYS A 224 17.84 -0.64 -8.90
CA CYS A 224 16.64 0.01 -9.42
C CYS A 224 15.72 0.55 -8.32
N THR A 225 15.08 1.68 -8.60
CA THR A 225 14.12 2.28 -7.66
C THR A 225 12.82 1.49 -7.65
N SER A 226 12.61 0.73 -8.72
CA SER A 226 11.39 -0.04 -8.93
C SER A 226 11.27 -1.25 -8.01
N ALA A 227 10.02 -1.67 -7.77
CA ALA A 227 9.70 -2.75 -6.84
C ALA A 227 10.20 -4.10 -7.32
N HIS A 228 10.20 -5.08 -6.42
CA HIS A 228 10.55 -6.46 -6.74
C HIS A 228 9.61 -7.07 -7.80
N THR A 229 8.47 -6.42 -8.00
CA THR A 229 7.42 -6.93 -8.90
C THR A 229 7.40 -6.25 -10.28
N SER A 230 8.39 -5.41 -10.56
CA SER A 230 8.55 -4.80 -11.87
C SER A 230 9.37 -5.74 -12.76
N THR A 231 8.71 -6.75 -13.32
CA THR A 231 9.40 -7.80 -14.07
C THR A 231 9.00 -7.88 -15.55
N GLY A 232 8.39 -6.81 -16.06
CA GLY A 232 7.97 -6.72 -17.46
C GLY A 232 7.29 -7.98 -17.99
N ASP A 233 6.22 -8.39 -17.30
CA ASP A 233 5.52 -9.63 -17.63
C ASP A 233 4.66 -9.52 -18.89
N GLY A 234 4.05 -8.36 -19.10
CA GLY A 234 3.23 -8.11 -20.29
C GLY A 234 4.09 -7.92 -21.53
N THR A 235 5.29 -7.39 -21.32
CA THR A 235 6.27 -7.21 -22.39
C THR A 235 6.67 -8.57 -22.97
N ALA A 236 6.89 -9.53 -22.08
CA ALA A 236 7.27 -10.88 -22.46
C ALA A 236 6.11 -11.64 -23.09
N MET A 237 4.89 -11.30 -22.70
CA MET A 237 3.68 -11.89 -23.27
C MET A 237 3.50 -11.48 -24.72
N VAL A 238 3.79 -10.21 -25.01
CA VAL A 238 3.78 -9.70 -26.38
C VAL A 238 4.90 -10.34 -27.19
N THR A 239 6.08 -10.46 -26.58
CA THR A 239 7.24 -11.07 -27.22
C THR A 239 6.96 -12.50 -27.67
N ARG A 240 6.46 -13.33 -26.75
CA ARG A 240 6.18 -14.75 -27.03
C ARG A 240 5.11 -14.93 -28.12
N ALA A 241 4.30 -13.89 -28.32
CA ALA A 241 3.28 -13.88 -29.38
C ALA A 241 3.88 -13.55 -30.75
N GLY A 242 5.18 -13.24 -30.77
CA GLY A 242 5.89 -12.90 -32.00
C GLY A 242 5.77 -11.44 -32.36
N LEU A 243 5.08 -10.67 -31.52
CA LEU A 243 4.86 -9.25 -31.74
C LEU A 243 6.08 -8.43 -31.31
N PRO A 244 6.21 -7.20 -31.84
CA PRO A 244 7.39 -6.40 -31.50
C PRO A 244 7.25 -5.61 -30.20
N CYS A 245 8.40 -5.35 -29.57
CA CYS A 245 8.50 -4.32 -28.55
C CYS A 245 9.19 -3.11 -29.16
N GLN A 246 9.15 -1.98 -28.46
CA GLN A 246 9.69 -0.73 -28.98
C GLN A 246 10.60 -0.01 -27.99
N ASP A 247 11.69 0.56 -28.51
CA ASP A 247 12.61 1.43 -27.75
C ASP A 247 13.08 0.89 -26.40
N LEU A 248 13.20 -0.43 -26.29
CA LEU A 248 13.54 -1.09 -25.03
C LEU A 248 14.93 -0.75 -24.48
N GLU A 249 15.80 -0.23 -25.35
CA GLU A 249 17.14 0.17 -24.93
C GLU A 249 17.16 1.51 -24.20
N PHE A 250 16.02 2.19 -24.17
CA PHE A 250 15.90 3.49 -23.52
C PHE A 250 15.43 3.32 -22.08
N VAL A 251 16.40 3.23 -21.18
CA VAL A 251 16.16 3.01 -19.75
C VAL A 251 16.51 4.29 -18.99
N GLN A 252 15.54 4.84 -18.26
CA GLN A 252 15.76 6.08 -17.52
C GLN A 252 16.48 5.83 -16.20
N PHE A 253 17.58 6.55 -16.03
CA PHE A 253 18.30 6.56 -14.77
C PHE A 253 17.91 7.81 -14.00
N HIS A 254 17.12 7.62 -12.95
CA HIS A 254 16.72 8.71 -12.06
C HIS A 254 17.94 9.19 -11.28
N PRO A 255 18.21 10.50 -11.30
CA PRO A 255 19.39 11.08 -10.66
C PRO A 255 19.45 10.82 -9.15
N THR A 256 18.31 10.95 -8.47
CA THR A 256 18.27 10.90 -7.00
C THR A 256 17.66 9.60 -6.43
N GLY A 257 18.48 8.56 -6.38
CA GLY A 257 18.11 7.30 -5.73
C GLY A 257 19.11 7.01 -4.62
N ILE A 258 18.61 6.60 -3.46
CA ILE A 258 19.45 6.40 -2.26
C ILE A 258 20.59 5.40 -2.51
N TYR A 259 21.75 5.67 -1.89
CA TYR A 259 22.95 4.87 -2.09
C TYR A 259 22.83 3.47 -1.49
N GLY A 260 22.00 3.32 -0.47
CA GLY A 260 21.77 2.03 0.18
C GLY A 260 21.02 1.04 -0.67
N ALA A 261 19.74 0.86 -0.36
CA ALA A 261 18.90 -0.15 -1.04
C ALA A 261 18.47 0.25 -2.46
N GLY A 262 18.73 1.50 -2.83
CA GLY A 262 18.36 2.01 -4.16
C GLY A 262 16.99 2.66 -4.18
N CYS A 263 16.45 2.91 -3.00
CA CYS A 263 15.14 3.56 -2.84
C CYS A 263 15.11 4.94 -3.47
N LEU A 264 13.97 5.31 -4.04
CA LEU A 264 13.84 6.60 -4.72
C LEU A 264 13.66 7.76 -3.76
N ILE A 265 14.37 8.84 -4.05
CA ILE A 265 14.13 10.14 -3.41
C ILE A 265 13.66 11.08 -4.53
N THR A 266 12.47 11.64 -4.34
CA THR A 266 11.77 12.38 -5.40
C THR A 266 12.55 13.55 -6.02
N GLU A 267 12.20 13.86 -7.27
CA GLU A 267 12.72 15.05 -7.97
C GLU A 267 12.09 16.32 -7.36
N GLY A 268 11.00 16.13 -6.63
CA GLY A 268 10.34 17.21 -5.88
C GLY A 268 11.25 17.89 -4.89
N CYS A 269 12.27 17.17 -4.44
CA CYS A 269 13.32 17.73 -3.58
C CYS A 269 14.01 18.89 -4.28
N ARG A 270 14.47 18.64 -5.50
CA ARG A 270 15.13 19.66 -6.34
C ARG A 270 14.14 20.71 -6.83
N GLY A 271 12.89 20.31 -7.01
CA GLY A 271 11.82 21.22 -7.43
C GLY A 271 11.38 22.19 -6.35
N GLU A 272 11.64 21.83 -5.09
CA GLU A 272 11.32 22.69 -3.94
C GLU A 272 12.51 23.55 -3.52
N GLY A 273 13.68 23.29 -4.11
CA GLY A 273 14.89 24.07 -3.85
C GLY A 273 16.12 23.26 -3.45
N GLY A 274 16.04 21.94 -3.64
CA GLY A 274 17.14 21.04 -3.30
C GLY A 274 18.30 21.11 -4.29
N ILE A 275 19.51 20.85 -3.79
CA ILE A 275 20.73 21.01 -4.57
C ILE A 275 21.56 19.72 -4.59
N LEU A 276 22.37 19.55 -5.63
CA LEU A 276 23.31 18.43 -5.75
C LEU A 276 24.76 18.89 -5.56
N ILE A 277 25.50 18.18 -4.71
CA ILE A 277 26.84 18.60 -4.27
C ILE A 277 27.89 17.49 -4.43
N ASN A 278 29.02 17.83 -5.07
CA ASN A 278 30.16 16.90 -5.21
C ASN A 278 31.11 16.90 -4.01
N SER A 279 32.24 16.20 -4.13
CA SER A 279 33.20 16.05 -3.04
C SER A 279 33.84 17.35 -2.57
N GLN A 280 33.98 18.31 -3.48
CA GLN A 280 34.64 19.59 -3.18
C GLN A 280 33.65 20.64 -2.65
N GLY A 281 32.36 20.32 -2.72
CA GLY A 281 31.30 21.20 -2.20
C GLY A 281 30.66 22.10 -3.24
N GLU A 282 31.32 22.24 -4.39
CA GLU A 282 30.85 23.09 -5.48
C GLU A 282 29.58 22.53 -6.11
N ARG A 283 28.57 23.39 -6.25
CA ARG A 283 27.31 23.04 -6.92
C ARG A 283 27.59 22.70 -8.39
N PHE A 284 27.82 21.40 -8.65
CA PHE A 284 28.33 20.95 -9.94
C PHE A 284 27.34 21.05 -11.10
N MET A 285 26.06 20.94 -10.78
CA MET A 285 25.00 20.99 -11.79
C MET A 285 24.80 22.37 -12.41
N GLU A 286 25.41 23.38 -11.80
CA GLU A 286 25.38 24.75 -12.33
C GLU A 286 26.33 24.90 -13.51
N ARG A 287 27.26 23.95 -13.64
CA ARG A 287 28.28 23.96 -14.70
C ARG A 287 27.78 23.25 -15.97
N TYR A 288 27.15 22.10 -15.78
CA TYR A 288 26.63 21.28 -16.89
C TYR A 288 25.39 21.92 -17.53
N ALA A 289 24.50 22.44 -16.68
CA ALA A 289 23.32 23.17 -17.13
C ALA A 289 23.33 24.57 -16.54
N PRO A 290 23.65 25.58 -17.38
CA PRO A 290 23.71 26.96 -16.89
C PRO A 290 22.34 27.57 -16.58
N VAL A 291 21.34 27.25 -17.41
CA VAL A 291 20.01 27.84 -17.28
C VAL A 291 19.13 27.08 -16.29
N ALA A 292 18.98 25.77 -16.51
CA ALA A 292 18.07 24.94 -15.70
C ALA A 292 18.71 24.37 -14.43
N LYS A 293 20.03 24.24 -14.45
CA LYS A 293 20.82 23.73 -13.30
C LYS A 293 20.44 22.29 -12.92
N ASP A 294 20.35 22.03 -11.61
CA ASP A 294 19.96 20.70 -11.13
C ASP A 294 18.46 20.38 -11.34
N LEU A 295 17.78 21.25 -12.08
CA LEU A 295 16.38 21.05 -12.44
C LEU A 295 16.26 20.83 -13.96
N ALA A 296 17.30 20.23 -14.54
CA ALA A 296 17.35 19.91 -15.96
C ALA A 296 16.73 18.53 -16.23
N SER A 297 16.79 18.08 -17.48
CA SER A 297 16.28 16.77 -17.87
C SER A 297 16.99 15.62 -17.17
N ARG A 298 16.25 14.54 -16.92
CA ARG A 298 16.75 13.41 -16.12
C ARG A 298 17.89 12.62 -16.77
N ASP A 299 17.96 12.65 -18.11
CA ASP A 299 19.07 12.02 -18.82
C ASP A 299 20.37 12.82 -18.68
N VAL A 300 20.23 14.13 -18.53
CA VAL A 300 21.36 15.06 -18.45
C VAL A 300 21.91 15.17 -17.02
N VAL A 301 21.02 15.23 -16.05
CA VAL A 301 21.40 15.39 -14.64
C VAL A 301 22.19 14.16 -14.14
N SER A 302 21.64 12.97 -14.39
CA SER A 302 22.29 11.72 -13.99
C SER A 302 23.57 11.43 -14.79
N ARG A 303 23.62 11.93 -16.03
CA ARG A 303 24.80 11.85 -16.88
C ARG A 303 25.99 12.56 -16.24
N SER A 304 25.71 13.73 -15.66
CA SER A 304 26.71 14.55 -14.98
C SER A 304 27.15 13.90 -13.67
N MET A 305 26.20 13.32 -12.95
CA MET A 305 26.46 12.64 -11.68
C MET A 305 27.39 11.44 -11.87
N THR A 306 27.11 10.65 -12.91
CA THR A 306 27.93 9.50 -13.28
C THR A 306 29.33 9.95 -13.71
N LEU A 307 29.40 11.11 -14.35
CA LEU A 307 30.64 11.68 -14.84
C LEU A 307 31.52 12.17 -13.68
N GLU A 308 30.87 12.73 -12.66
CA GLU A 308 31.57 13.26 -11.48
C GLU A 308 32.30 12.18 -10.68
N ILE A 309 31.68 11.01 -10.57
CA ILE A 309 32.27 9.85 -9.88
C ILE A 309 33.53 9.38 -10.61
N ARG A 310 33.48 9.39 -11.94
CA ARG A 310 34.57 8.92 -12.79
C ARG A 310 35.86 9.74 -12.70
N GLU A 311 35.74 11.04 -12.46
CA GLU A 311 36.92 11.89 -12.22
C GLU A 311 37.20 12.14 -10.73
N GLY A 312 36.92 11.14 -9.90
CA GLY A 312 37.35 11.13 -8.50
C GLY A 312 36.57 12.00 -7.52
N ARG A 313 35.48 12.60 -7.98
CA ARG A 313 34.64 13.44 -7.10
C ARG A 313 33.48 12.67 -6.46
N GLY A 314 33.80 11.50 -5.91
CA GLY A 314 32.82 10.70 -5.15
C GLY A 314 32.70 11.18 -3.71
N CYS A 315 31.60 10.81 -3.05
CA CYS A 315 31.28 11.34 -1.73
C CYS A 315 31.13 10.28 -0.63
N GLY A 316 32.04 9.32 -0.60
CA GLY A 316 32.01 8.28 0.43
C GLY A 316 33.36 7.60 0.66
N PRO A 317 33.37 6.56 1.51
CA PRO A 317 34.59 5.76 1.76
C PRO A 317 35.01 4.96 0.53
N GLU A 318 34.11 4.80 -0.42
CA GLU A 318 34.38 4.13 -1.69
C GLU A 318 34.47 5.16 -2.82
N LYS A 319 34.08 6.41 -2.52
CA LYS A 319 33.98 7.50 -3.50
C LYS A 319 33.16 7.09 -4.72
N ASP A 320 31.87 6.82 -4.50
CA ASP A 320 31.01 6.27 -5.54
C ASP A 320 29.61 6.92 -5.62
N HIS A 321 29.38 7.97 -4.84
CA HIS A 321 28.09 8.68 -4.88
C HIS A 321 28.20 10.21 -4.74
N VAL A 322 27.04 10.86 -4.62
CA VAL A 322 26.92 12.32 -4.56
C VAL A 322 25.87 12.70 -3.51
N TYR A 323 25.98 13.90 -2.96
CA TYR A 323 25.04 14.38 -1.94
C TYR A 323 23.86 15.17 -2.51
N LEU A 324 22.69 15.00 -1.88
CA LEU A 324 21.51 15.80 -2.16
C LEU A 324 21.22 16.66 -0.94
N GLN A 325 21.52 17.95 -1.05
CA GLN A 325 21.39 18.89 0.07
C GLN A 325 19.96 19.42 0.19
N LEU A 326 19.45 19.43 1.42
CA LEU A 326 18.09 19.90 1.69
C LEU A 326 18.00 20.75 2.97
N HIS A 327 19.04 20.68 3.80
CA HIS A 327 19.01 21.32 5.12
C HIS A 327 18.92 22.86 5.10
N HIS A 328 19.20 23.46 3.95
CA HIS A 328 19.06 24.92 3.79
C HIS A 328 17.59 25.34 3.64
N LEU A 329 16.74 24.43 3.16
CA LEU A 329 15.31 24.67 3.09
C LEU A 329 14.69 24.67 4.49
N PRO A 330 13.72 25.57 4.74
CA PRO A 330 13.06 25.67 6.05
C PRO A 330 12.46 24.33 6.51
N PRO A 331 12.59 24.01 7.82
CA PRO A 331 12.06 22.76 8.38
C PRO A 331 10.55 22.60 8.18
N GLU A 332 9.81 23.70 8.28
CA GLU A 332 8.35 23.68 8.08
C GLU A 332 7.95 23.47 6.62
N GLN A 333 8.86 23.79 5.69
CA GLN A 333 8.64 23.54 4.27
C GLN A 333 8.83 22.06 3.94
N LEU A 334 9.90 21.47 4.49
CA LEU A 334 10.21 20.06 4.30
C LEU A 334 9.13 19.13 4.86
N ALA A 335 8.61 19.47 6.03
CA ALA A 335 7.58 18.67 6.70
C ALA A 335 6.24 18.66 5.96
N VAL A 336 5.97 19.71 5.18
CA VAL A 336 4.71 19.83 4.45
C VAL A 336 4.84 19.31 3.02
N ARG A 337 5.95 19.64 2.36
CA ARG A 337 6.16 19.30 0.95
C ARG A 337 6.79 17.93 0.73
N LEU A 338 7.62 17.50 1.67
CA LEU A 338 8.35 16.23 1.55
C LEU A 338 8.36 15.39 2.84
N PRO A 339 7.17 14.96 3.31
CA PRO A 339 7.16 14.13 4.53
C PRO A 339 7.61 12.69 4.27
N GLY A 340 7.41 12.21 3.04
CA GLY A 340 7.72 10.83 2.66
C GLY A 340 9.19 10.49 2.59
N ILE A 341 9.97 11.31 1.89
CA ILE A 341 11.41 11.08 1.75
C ILE A 341 12.16 11.33 3.06
N SER A 342 11.64 12.25 3.88
CA SER A 342 12.20 12.57 5.19
C SER A 342 12.26 11.33 6.08
N GLU A 343 11.23 10.49 5.97
CA GLU A 343 11.15 9.23 6.71
C GLU A 343 12.09 8.17 6.14
N THR A 344 12.04 7.97 4.82
CA THR A 344 12.85 6.93 4.16
C THR A 344 14.36 7.23 4.13
N ALA A 345 14.72 8.52 4.17
CA ALA A 345 16.13 8.92 4.28
C ALA A 345 16.67 8.57 5.67
N MET A 346 15.82 8.77 6.69
CA MET A 346 16.15 8.46 8.07
C MET A 346 16.21 6.94 8.32
N ILE A 347 15.32 6.21 7.66
CA ILE A 347 15.22 4.76 7.85
C ILE A 347 16.34 3.99 7.14
N PHE A 348 16.61 4.36 5.89
CA PHE A 348 17.55 3.61 5.05
C PHE A 348 18.99 4.15 5.07
N ALA A 349 19.17 5.40 5.46
CA ALA A 349 20.50 6.01 5.51
C ALA A 349 20.84 6.67 6.84
N GLY A 350 19.89 6.66 7.77
CA GLY A 350 20.06 7.28 9.08
C GLY A 350 20.32 8.78 8.99
N VAL A 351 19.58 9.44 8.10
CA VAL A 351 19.83 10.84 7.76
C VAL A 351 18.68 11.76 8.15
N ASP A 352 18.99 12.76 8.97
CA ASP A 352 18.07 13.85 9.26
C ASP A 352 18.22 14.87 8.14
N VAL A 353 17.16 15.04 7.36
CA VAL A 353 17.19 15.89 6.16
C VAL A 353 17.34 17.38 6.45
N THR A 354 16.92 17.79 7.65
CA THR A 354 16.98 19.20 8.06
C THR A 354 18.36 19.59 8.64
N LYS A 355 19.28 18.63 8.67
CA LYS A 355 20.64 18.87 9.16
C LYS A 355 21.72 18.35 8.22
N GLU A 356 21.53 17.14 7.69
CA GLU A 356 22.53 16.49 6.84
C GLU A 356 21.99 16.17 5.44
N PRO A 357 22.87 16.17 4.41
CA PRO A 357 22.45 15.81 3.05
C PRO A 357 22.26 14.30 2.86
N ILE A 358 21.47 13.93 1.86
CA ILE A 358 21.19 12.52 1.58
C ILE A 358 22.14 11.98 0.49
N PRO A 359 22.73 10.80 0.71
CA PRO A 359 23.54 10.15 -0.33
C PRO A 359 22.67 9.66 -1.48
N VAL A 360 22.87 10.21 -2.67
CA VAL A 360 22.12 9.82 -3.86
C VAL A 360 23.02 9.31 -4.98
N LEU A 361 22.44 8.48 -5.85
CA LEU A 361 23.13 7.88 -6.98
C LEU A 361 22.13 7.57 -8.09
N PRO A 362 22.50 7.88 -9.35
CA PRO A 362 21.70 7.49 -10.51
C PRO A 362 21.46 5.98 -10.57
N THR A 363 20.20 5.57 -10.46
CA THR A 363 19.81 4.16 -10.53
C THR A 363 18.60 3.98 -11.45
N VAL A 364 18.51 2.81 -12.07
CA VAL A 364 17.42 2.47 -13.00
C VAL A 364 16.05 2.79 -12.40
N HIS A 365 15.22 3.46 -13.20
CA HIS A 365 13.95 3.99 -12.70
C HIS A 365 12.78 3.67 -13.60
N TYR A 366 12.73 4.31 -14.77
CA TYR A 366 11.60 4.21 -15.68
C TYR A 366 11.97 3.58 -17.02
N ASN A 367 11.02 2.83 -17.59
CA ASN A 367 11.19 2.26 -18.92
C ASN A 367 10.30 2.96 -19.94
N MET A 368 10.87 3.87 -20.72
CA MET A 368 10.12 4.54 -21.78
C MET A 368 9.85 3.63 -22.98
N GLY A 369 10.62 2.55 -23.09
CA GLY A 369 10.33 1.50 -24.05
C GLY A 369 9.12 0.69 -23.60
N GLY A 370 8.71 -0.25 -24.45
CA GLY A 370 7.56 -1.11 -24.14
C GLY A 370 6.83 -1.58 -25.38
N ILE A 371 5.52 -1.73 -25.24
CA ILE A 371 4.66 -2.26 -26.30
C ILE A 371 4.19 -1.11 -27.21
N PRO A 372 4.65 -1.10 -28.48
CA PRO A 372 4.30 -0.04 -29.44
C PRO A 372 2.80 0.15 -29.57
N THR A 373 2.37 1.41 -29.67
CA THR A 373 0.96 1.76 -29.50
C THR A 373 0.51 3.05 -30.20
N ASN A 374 -0.77 3.07 -30.60
CA ASN A 374 -1.47 4.27 -31.09
C ASN A 374 -1.61 5.34 -30.01
N TYR A 375 -2.01 6.54 -30.42
CA TYR A 375 -2.42 7.55 -29.45
C TYR A 375 -3.74 7.14 -28.78
N LYS A 376 -4.38 6.13 -29.37
CA LYS A 376 -5.65 5.59 -28.87
C LYS A 376 -5.44 4.39 -27.94
N GLY A 377 -4.21 3.91 -27.86
CA GLY A 377 -3.87 2.80 -26.97
C GLY A 377 -3.82 1.44 -27.63
N GLN A 378 -3.91 1.42 -28.96
CA GLN A 378 -3.96 0.17 -29.73
C GLN A 378 -2.57 -0.35 -30.03
N VAL A 379 -2.33 -1.62 -29.71
CA VAL A 379 -1.03 -2.25 -29.95
C VAL A 379 -0.75 -2.39 -31.45
N LEU A 380 0.43 -1.97 -31.86
CA LEU A 380 0.83 -2.00 -33.26
C LEU A 380 1.82 -3.11 -33.57
N ARG A 381 1.52 -3.87 -34.62
CA ARG A 381 2.51 -4.75 -35.25
C ARG A 381 3.08 -4.02 -36.47
N HIS A 382 4.19 -4.53 -37.00
CA HIS A 382 4.88 -3.84 -38.09
C HIS A 382 5.04 -4.76 -39.31
N VAL A 383 4.20 -4.53 -40.32
CA VAL A 383 4.19 -5.37 -41.52
C VAL A 383 4.47 -4.54 -42.77
N ASN A 384 5.46 -4.98 -43.54
CA ASN A 384 5.87 -4.33 -44.79
C ASN A 384 6.29 -2.87 -44.61
N GLY A 385 7.01 -2.61 -43.51
CA GLY A 385 7.49 -1.26 -43.19
C GLY A 385 6.40 -0.28 -42.81
N GLN A 386 5.17 -0.79 -42.65
CA GLN A 386 4.01 0.03 -42.33
C GLN A 386 3.38 -0.41 -41.00
N ASP A 387 2.71 0.53 -40.34
CA ASP A 387 2.03 0.24 -39.09
C ASP A 387 0.71 -0.51 -39.32
N GLN A 388 0.39 -1.40 -38.39
CA GLN A 388 -0.81 -2.23 -38.48
C GLN A 388 -1.33 -2.52 -37.07
N VAL A 389 -2.62 -2.28 -36.87
CA VAL A 389 -3.25 -2.48 -35.56
C VAL A 389 -3.51 -3.96 -35.30
N VAL A 390 -3.10 -4.43 -34.12
CA VAL A 390 -3.42 -5.78 -33.67
C VAL A 390 -4.85 -5.78 -33.13
N PRO A 391 -5.74 -6.56 -33.77
CA PRO A 391 -7.16 -6.58 -33.38
C PRO A 391 -7.38 -7.12 -31.97
N GLY A 392 -8.04 -6.33 -31.14
CA GLY A 392 -8.39 -6.72 -29.77
C GLY A 392 -7.24 -6.74 -28.78
N LEU A 393 -6.19 -5.97 -29.05
CA LEU A 393 -5.06 -5.85 -28.13
C LEU A 393 -4.69 -4.40 -27.88
N TYR A 394 -4.71 -4.02 -26.61
CA TYR A 394 -4.39 -2.66 -26.18
C TYR A 394 -3.29 -2.69 -25.13
N ALA A 395 -2.65 -1.55 -24.91
CA ALA A 395 -1.63 -1.40 -23.88
C ALA A 395 -1.51 0.04 -23.41
N CYS A 396 -1.34 0.23 -22.10
CA CYS A 396 -1.23 1.56 -21.49
C CYS A 396 -0.33 1.55 -20.26
N GLY A 397 0.28 2.69 -19.97
CA GLY A 397 1.18 2.82 -18.83
C GLY A 397 2.63 2.59 -19.19
N GLU A 398 3.43 2.26 -18.18
CA GLU A 398 4.86 2.02 -18.36
C GLU A 398 5.13 0.82 -19.28
N ALA A 399 4.19 -0.14 -19.27
CA ALA A 399 4.25 -1.32 -20.11
C ALA A 399 4.15 -0.96 -21.59
N ALA A 400 3.36 0.05 -21.89
CA ALA A 400 3.16 0.49 -23.27
C ALA A 400 4.31 1.34 -23.76
N CYS A 401 4.28 1.64 -25.06
CA CYS A 401 5.17 2.61 -25.67
C CYS A 401 4.40 3.28 -26.79
N ALA A 402 3.51 4.20 -26.42
CA ALA A 402 2.96 5.15 -27.38
C ALA A 402 4.09 6.13 -27.69
N SER A 403 5.18 5.97 -26.93
CA SER A 403 6.33 6.86 -26.90
C SER A 403 5.89 8.31 -26.78
N VAL A 404 5.15 8.58 -25.71
CA VAL A 404 4.79 9.92 -25.31
C VAL A 404 6.01 10.52 -24.56
N HIS A 405 6.95 9.64 -24.21
CA HIS A 405 8.18 10.02 -23.51
C HIS A 405 9.42 9.91 -24.40
N GLY A 406 9.34 9.08 -25.45
CA GLY A 406 10.41 8.93 -26.43
C GLY A 406 11.74 8.46 -25.85
N ALA A 407 12.79 9.26 -26.08
CA ALA A 407 14.15 8.93 -25.66
C ALA A 407 14.43 9.27 -24.19
N ASN A 408 13.63 10.18 -23.63
CA ASN A 408 13.76 10.58 -22.23
C ASN A 408 12.47 11.15 -21.66
N ARG A 409 12.02 10.55 -20.56
CA ARG A 409 10.77 10.96 -19.91
C ARG A 409 10.96 12.18 -19.02
N LEU A 410 10.00 13.10 -19.08
CA LEU A 410 9.93 14.21 -18.13
C LEU A 410 9.37 13.75 -16.79
N GLY A 411 9.94 14.29 -15.71
CA GLY A 411 9.46 13.98 -14.37
C GLY A 411 8.01 14.36 -14.17
N ALA A 412 7.27 13.50 -13.48
CA ALA A 412 5.84 13.71 -13.20
C ALA A 412 4.94 13.57 -14.43
N ASN A 413 5.43 12.92 -15.46
CA ASN A 413 4.64 12.67 -16.67
C ASN A 413 4.06 11.27 -16.80
N SER A 414 4.62 10.30 -16.06
CA SER A 414 4.11 8.93 -16.14
C SER A 414 2.79 8.72 -15.41
N LEU A 415 2.65 9.30 -14.22
CA LEU A 415 1.37 9.27 -13.51
C LEU A 415 0.26 9.86 -14.38
N LEU A 416 0.62 10.83 -15.22
CA LEU A 416 -0.28 11.36 -16.23
C LEU A 416 -0.46 10.35 -17.37
N ASP A 417 0.66 9.88 -17.92
CA ASP A 417 0.68 8.84 -18.96
C ASP A 417 -0.26 7.69 -18.61
N LEU A 418 -0.31 7.33 -17.33
CA LEU A 418 -1.19 6.29 -16.80
C LEU A 418 -2.66 6.64 -16.93
N VAL A 419 -3.04 7.77 -16.32
CA VAL A 419 -4.44 8.19 -16.22
C VAL A 419 -5.04 8.54 -17.58
N VAL A 420 -4.24 9.11 -18.47
CA VAL A 420 -4.70 9.53 -19.79
C VAL A 420 -4.95 8.34 -20.70
N PHE A 421 -3.96 7.45 -20.81
CA PHE A 421 -4.03 6.35 -21.76
C PHE A 421 -4.77 5.12 -21.22
N GLY A 422 -5.00 5.09 -19.92
CA GLY A 422 -5.90 4.11 -19.34
C GLY A 422 -7.30 4.45 -19.80
N ARG A 423 -7.64 5.74 -19.67
CA ARG A 423 -8.93 6.27 -20.12
C ARG A 423 -9.12 6.08 -21.63
N ALA A 424 -8.05 6.34 -22.39
CA ALA A 424 -8.08 6.25 -23.85
C ALA A 424 -8.36 4.83 -24.35
N CYS A 425 -7.78 3.84 -23.67
CA CYS A 425 -8.03 2.44 -24.01
C CYS A 425 -9.50 2.09 -23.82
N ALA A 426 -10.09 2.57 -22.73
CA ALA A 426 -11.51 2.36 -22.43
C ALA A 426 -12.41 3.03 -23.46
N LEU A 427 -12.00 4.22 -23.92
CA LEU A 427 -12.77 4.99 -24.89
C LEU A 427 -12.68 4.41 -26.29
N SER A 428 -11.50 3.94 -26.67
CA SER A 428 -11.28 3.33 -27.99
C SER A 428 -12.06 2.05 -28.15
N ILE A 429 -12.22 1.30 -27.06
CA ILE A 429 -13.06 0.09 -27.06
C ILE A 429 -14.55 0.47 -27.10
N ALA A 430 -14.95 1.41 -26.25
CA ALA A 430 -16.33 1.87 -26.17
C ALA A 430 -16.87 2.48 -27.46
N GLU A 431 -15.96 2.86 -28.36
CA GLU A 431 -16.33 3.51 -29.61
C GLU A 431 -16.18 2.63 -30.84
N SER A 432 -15.50 1.49 -30.69
CA SER A 432 -15.28 0.55 -31.79
C SER A 432 -16.18 -0.69 -31.73
N CYS A 433 -16.65 -1.02 -30.53
CA CYS A 433 -17.61 -2.11 -30.34
C CYS A 433 -18.58 -1.85 -29.17
N ARG A 434 -19.57 -2.72 -29.03
CA ARG A 434 -20.59 -2.59 -27.99
C ARG A 434 -20.55 -3.76 -27.00
N PRO A 435 -20.93 -3.51 -25.72
CA PRO A 435 -20.95 -4.60 -24.74
C PRO A 435 -21.95 -5.68 -25.12
N GLY A 436 -21.55 -6.94 -24.99
CA GLY A 436 -22.40 -8.06 -25.35
C GLY A 436 -22.17 -8.56 -26.76
N ASP A 437 -21.24 -7.94 -27.47
CA ASP A 437 -20.83 -8.40 -28.80
C ASP A 437 -20.15 -9.76 -28.71
N LYS A 438 -20.15 -10.49 -29.82
CA LYS A 438 -19.59 -11.84 -29.88
C LYS A 438 -18.15 -11.89 -29.37
N VAL A 439 -17.95 -12.63 -28.27
CA VAL A 439 -16.64 -12.93 -27.75
C VAL A 439 -16.07 -14.06 -28.61
N PRO A 440 -14.92 -13.81 -29.28
CA PRO A 440 -14.41 -14.78 -30.25
C PRO A 440 -14.00 -16.09 -29.60
N SER A 441 -14.30 -17.20 -30.27
CA SER A 441 -14.11 -18.53 -29.70
C SER A 441 -12.69 -19.07 -29.85
N ILE A 442 -12.07 -19.35 -28.70
CA ILE A 442 -10.70 -19.84 -28.64
C ILE A 442 -10.65 -21.36 -28.83
N LYS A 443 -9.51 -21.87 -29.30
CA LYS A 443 -9.31 -23.31 -29.51
C LYS A 443 -9.34 -24.08 -28.17
N PRO A 444 -9.82 -25.33 -28.19
CA PRO A 444 -9.89 -26.16 -26.99
C PRO A 444 -8.52 -26.46 -26.38
N ASN A 445 -7.48 -26.43 -27.21
CA ASN A 445 -6.13 -26.74 -26.78
C ASN A 445 -5.25 -25.49 -26.67
N ALA A 446 -5.88 -24.32 -26.67
CA ALA A 446 -5.14 -23.05 -26.72
C ALA A 446 -4.57 -22.64 -25.36
N GLY A 447 -3.30 -22.22 -25.37
CA GLY A 447 -2.58 -21.88 -24.16
C GLY A 447 -1.87 -23.08 -23.57
N GLU A 448 -1.77 -24.13 -24.38
CA GLU A 448 -1.15 -25.41 -23.99
C GLU A 448 0.34 -25.24 -23.70
N GLU A 449 1.01 -24.43 -24.52
CA GLU A 449 2.44 -24.15 -24.39
C GLU A 449 2.77 -23.48 -23.06
N SER A 450 1.86 -22.63 -22.60
CA SER A 450 2.04 -21.88 -21.35
C SER A 450 1.93 -22.79 -20.13
N VAL A 451 0.97 -23.71 -20.17
CA VAL A 451 0.79 -24.73 -19.13
C VAL A 451 1.98 -25.69 -19.12
N MET A 452 2.43 -26.09 -20.31
CA MET A 452 3.62 -26.94 -20.45
C MET A 452 4.88 -26.24 -19.95
N ASN A 453 4.99 -24.94 -20.23
CA ASN A 453 6.07 -24.11 -19.70
C ASN A 453 6.01 -24.05 -18.18
N LEU A 454 4.80 -23.84 -17.66
CA LEU A 454 4.53 -23.81 -16.22
C LEU A 454 4.96 -25.12 -15.55
N ASP A 455 4.55 -26.24 -16.15
CA ASP A 455 4.82 -27.58 -15.62
C ASP A 455 6.30 -27.95 -15.66
N LYS A 456 6.99 -27.51 -16.72
CA LYS A 456 8.42 -27.74 -16.88
C LYS A 456 9.22 -27.04 -15.79
N LEU A 457 8.76 -25.84 -15.42
CA LEU A 457 9.43 -25.01 -14.41
C LEU A 457 9.07 -25.41 -12.98
N ARG A 458 7.94 -26.08 -12.81
CA ARG A 458 7.48 -26.53 -11.49
C ARG A 458 8.31 -27.71 -11.00
N PHE A 459 8.75 -28.56 -11.94
CA PHE A 459 9.55 -29.74 -11.63
C PHE A 459 11.01 -29.58 -12.05
N ALA A 460 11.39 -28.37 -12.46
CA ALA A 460 12.72 -28.06 -12.98
C ALA A 460 13.85 -28.44 -12.01
N ASN A 461 14.51 -29.56 -12.31
CA ASN A 461 15.64 -30.03 -11.51
C ASN A 461 16.95 -29.93 -12.29
N GLY A 462 17.55 -28.75 -12.26
CA GLY A 462 18.78 -28.47 -13.02
C GLY A 462 20.01 -28.26 -12.17
N THR A 463 20.88 -27.36 -12.61
CA THR A 463 22.16 -27.11 -11.95
C THR A 463 22.38 -25.65 -11.53
N ILE A 464 21.54 -24.75 -12.05
CA ILE A 464 21.63 -23.32 -11.72
C ILE A 464 20.34 -22.83 -11.07
N ARG A 465 20.46 -22.36 -9.83
CA ARG A 465 19.31 -21.84 -9.07
C ARG A 465 18.75 -20.57 -9.70
N THR A 466 17.43 -20.38 -9.61
CA THR A 466 16.75 -19.21 -10.18
C THR A 466 17.37 -17.89 -9.74
N SER A 467 17.58 -17.75 -8.44
CA SER A 467 18.15 -16.55 -7.85
C SER A 467 19.56 -16.25 -8.35
N GLU A 468 20.37 -17.30 -8.52
CA GLU A 468 21.73 -17.16 -9.01
C GLU A 468 21.76 -16.69 -10.47
N LEU A 469 20.84 -17.22 -11.28
CA LEU A 469 20.74 -16.84 -12.69
C LEU A 469 20.19 -15.43 -12.83
N ARG A 470 19.26 -15.06 -11.95
CA ARG A 470 18.73 -13.70 -11.90
C ARG A 470 19.82 -12.68 -11.59
N LEU A 471 20.64 -13.00 -10.59
CA LEU A 471 21.73 -12.12 -10.16
C LEU A 471 22.79 -11.98 -11.27
N SER A 472 23.03 -13.06 -12.00
CA SER A 472 23.95 -13.06 -13.13
C SER A 472 23.49 -12.07 -14.20
N MET A 473 22.19 -12.07 -14.48
CA MET A 473 21.57 -11.17 -15.44
C MET A 473 21.61 -9.71 -14.97
N GLN A 474 21.25 -9.50 -13.71
CA GLN A 474 21.21 -8.17 -13.11
C GLN A 474 22.57 -7.47 -13.06
N LYS A 475 23.61 -8.21 -12.67
CA LYS A 475 24.96 -7.66 -12.63
C LYS A 475 25.54 -7.44 -14.03
N SER A 476 25.13 -8.29 -14.97
CA SER A 476 25.59 -8.18 -16.37
C SER A 476 25.03 -6.94 -17.04
N MET A 477 23.74 -6.65 -16.79
CA MET A 477 23.10 -5.45 -17.35
C MET A 477 23.64 -4.17 -16.71
N GLN A 478 23.92 -4.24 -15.40
CA GLN A 478 24.36 -3.07 -14.63
C GLN A 478 25.72 -2.55 -15.06
N SER A 479 26.60 -3.46 -15.49
CA SER A 479 27.96 -3.09 -15.87
C SER A 479 28.16 -2.95 -17.39
N HIS A 480 27.30 -3.59 -18.18
CA HIS A 480 27.40 -3.55 -19.64
C HIS A 480 26.45 -2.54 -20.31
N ALA A 481 25.39 -2.15 -19.60
CA ALA A 481 24.38 -1.24 -20.16
C ALA A 481 23.93 -0.18 -19.16
N ALA A 482 24.88 0.54 -18.57
CA ALA A 482 24.58 1.59 -17.60
C ALA A 482 24.34 2.94 -18.29
N VAL A 483 24.65 4.03 -17.57
CA VAL A 483 24.48 5.40 -18.07
C VAL A 483 25.27 5.64 -19.36
N PHE A 484 26.56 5.32 -19.33
CA PHE A 484 27.41 5.40 -20.51
C PHE A 484 27.71 4.00 -21.03
N ARG A 485 27.70 3.85 -22.36
CA ARG A 485 28.01 2.56 -22.99
C ARG A 485 28.73 2.70 -24.33
N VAL A 486 29.59 1.72 -24.62
CA VAL A 486 30.35 1.67 -25.87
C VAL A 486 30.14 0.34 -26.59
N GLY A 487 30.38 0.35 -27.90
CA GLY A 487 30.20 -0.84 -28.76
C GLY A 487 30.76 -2.14 -28.21
N SER A 488 32.02 -2.10 -27.77
CA SER A 488 32.71 -3.30 -27.27
C SER A 488 32.09 -3.84 -25.97
N VAL A 489 31.89 -2.97 -24.99
CA VAL A 489 31.31 -3.36 -23.71
C VAL A 489 29.89 -3.90 -23.90
N LEU A 490 29.11 -3.23 -24.75
CA LEU A 490 27.76 -3.66 -25.11
C LEU A 490 27.76 -5.03 -25.81
N GLN A 491 28.71 -5.24 -26.72
CA GLN A 491 28.82 -6.48 -27.49
C GLN A 491 29.20 -7.68 -26.61
N GLU A 492 30.05 -7.43 -25.62
CA GLU A 492 30.41 -8.45 -24.64
C GLU A 492 29.21 -8.74 -23.73
N GLY A 493 28.42 -7.72 -23.46
CA GLY A 493 27.18 -7.86 -22.69
C GLY A 493 26.17 -8.70 -23.42
N CYS A 494 26.02 -8.46 -24.72
CA CYS A 494 25.06 -9.17 -25.57
C CYS A 494 25.30 -10.68 -25.57
N GLU A 495 26.53 -11.09 -25.85
CA GLU A 495 26.89 -12.51 -25.93
C GLU A 495 26.98 -13.16 -24.54
N LYS A 496 26.89 -12.34 -23.49
CA LYS A 496 26.82 -12.83 -22.12
C LYS A 496 25.38 -13.05 -21.69
N ILE A 497 24.50 -12.13 -22.07
CA ILE A 497 23.06 -12.26 -21.83
C ILE A 497 22.48 -13.40 -22.68
N LEU A 498 22.96 -13.55 -23.91
CA LEU A 498 22.59 -14.66 -24.78
C LEU A 498 23.02 -16.02 -24.22
N ARG A 499 24.19 -16.05 -23.59
CA ARG A 499 24.69 -17.26 -22.94
C ARG A 499 23.84 -17.58 -21.71
N LEU A 500 23.35 -16.54 -21.04
CA LEU A 500 22.48 -16.69 -19.87
C LEU A 500 21.07 -17.16 -20.24
N TYR A 501 20.66 -16.89 -21.47
CA TYR A 501 19.38 -17.40 -21.98
C TYR A 501 19.48 -18.91 -22.21
N GLY A 502 20.68 -19.36 -22.57
CA GLY A 502 20.98 -20.78 -22.72
C GLY A 502 20.99 -21.49 -21.38
N ASP A 503 21.15 -20.72 -20.31
CA ASP A 503 21.16 -21.26 -18.95
C ASP A 503 19.75 -21.47 -18.40
N LEU A 504 18.73 -21.02 -19.14
CA LEU A 504 17.34 -21.17 -18.72
C LEU A 504 16.82 -22.60 -18.86
N GLN A 505 17.55 -23.43 -19.59
CA GLN A 505 17.24 -24.85 -19.68
C GLN A 505 17.93 -25.63 -18.56
N HIS A 506 18.80 -24.93 -17.83
CA HIS A 506 19.59 -25.53 -16.76
C HIS A 506 19.13 -25.14 -15.35
N LEU A 507 18.06 -24.34 -15.26
CA LEU A 507 17.63 -23.80 -13.96
C LEU A 507 17.04 -24.81 -12.99
N LYS A 508 17.28 -24.58 -11.70
CA LYS A 508 16.85 -25.47 -10.64
C LYS A 508 15.75 -24.81 -9.80
N THR A 509 14.68 -25.56 -9.57
CA THR A 509 13.58 -25.10 -8.72
C THR A 509 13.39 -26.12 -7.58
N PHE A 510 12.80 -25.67 -6.47
CA PHE A 510 12.67 -26.52 -5.28
C PHE A 510 11.24 -26.78 -4.83
N ASP A 511 10.43 -25.72 -4.76
CA ASP A 511 9.04 -25.84 -4.35
C ASP A 511 8.22 -26.55 -5.43
N ARG A 512 7.63 -27.68 -5.06
CA ARG A 512 6.83 -28.49 -5.98
C ARG A 512 5.36 -28.53 -5.60
N GLY A 513 4.88 -27.47 -4.96
CA GLY A 513 3.49 -27.35 -4.55
C GLY A 513 2.63 -26.55 -5.52
N MET A 514 1.32 -26.62 -5.31
CA MET A 514 0.36 -25.90 -6.15
C MET A 514 -0.02 -24.55 -5.54
N VAL A 515 -0.21 -24.54 -4.22
CA VAL A 515 -0.58 -23.33 -3.50
C VAL A 515 0.63 -22.41 -3.32
N TRP A 516 0.46 -21.15 -3.70
CA TRP A 516 1.45 -20.09 -3.49
C TRP A 516 2.90 -20.50 -3.72
N ASN A 517 3.19 -20.99 -4.93
CA ASN A 517 4.55 -21.37 -5.28
C ASN A 517 5.33 -20.18 -5.79
N THR A 518 5.81 -19.35 -4.85
CA THR A 518 6.62 -18.17 -5.20
C THR A 518 7.91 -18.54 -5.91
N ASP A 519 8.47 -19.70 -5.58
CA ASP A 519 9.64 -20.22 -6.28
C ASP A 519 9.36 -20.32 -7.78
N LEU A 520 8.17 -20.79 -8.12
CA LEU A 520 7.74 -20.94 -9.51
C LEU A 520 7.47 -19.60 -10.20
N VAL A 521 6.69 -18.72 -9.55
CA VAL A 521 6.31 -17.44 -10.18
C VAL A 521 7.50 -16.51 -10.42
N GLU A 522 8.49 -16.58 -9.52
CA GLU A 522 9.71 -15.79 -9.69
C GLU A 522 10.57 -16.34 -10.82
N THR A 523 10.45 -17.63 -11.08
CA THR A 523 11.12 -18.28 -12.21
C THR A 523 10.40 -17.93 -13.51
N LEU A 524 9.08 -17.80 -13.45
CA LEU A 524 8.29 -17.25 -14.54
C LEU A 524 8.68 -15.79 -14.78
N GLU A 525 8.86 -15.05 -13.69
CA GLU A 525 9.32 -13.66 -13.75
C GLU A 525 10.71 -13.58 -14.38
N LEU A 526 11.53 -14.60 -14.17
CA LEU A 526 12.89 -14.64 -14.74
C LEU A 526 12.88 -14.81 -16.25
N GLN A 527 12.07 -15.74 -16.75
CA GLN A 527 11.87 -15.93 -18.19
C GLN A 527 11.44 -14.62 -18.84
N ASN A 528 10.57 -13.89 -18.15
CA ASN A 528 10.06 -12.60 -18.62
C ASN A 528 11.15 -11.52 -18.63
N LEU A 529 11.91 -11.43 -17.55
CA LEU A 529 13.00 -10.45 -17.43
C LEU A 529 14.10 -10.65 -18.47
N MET A 530 14.46 -11.91 -18.73
CA MET A 530 15.46 -12.24 -19.75
C MET A 530 15.08 -11.73 -21.12
N LEU A 531 13.84 -12.02 -21.55
CA LEU A 531 13.31 -11.54 -22.82
C LEU A 531 13.35 -10.02 -22.91
N CYS A 532 13.14 -9.35 -21.77
CA CYS A 532 13.24 -7.90 -21.69
C CYS A 532 14.70 -7.44 -21.75
N ALA A 533 15.58 -8.20 -21.10
CA ALA A 533 17.01 -7.88 -21.05
C ALA A 533 17.67 -8.00 -22.42
N LEU A 534 17.47 -9.15 -23.08
CA LEU A 534 18.00 -9.41 -24.42
C LEU A 534 17.70 -8.27 -25.40
N GLN A 535 16.43 -7.87 -25.43
CA GLN A 535 15.98 -6.84 -26.35
C GLN A 535 16.53 -5.46 -26.00
N THR A 536 16.74 -5.22 -24.70
CA THR A 536 17.33 -3.95 -24.23
C THR A 536 18.78 -3.84 -24.69
N ILE A 537 19.58 -4.87 -24.40
CA ILE A 537 21.02 -4.86 -24.68
C ILE A 537 21.36 -4.94 -26.18
N TYR A 538 20.62 -5.75 -26.94
CA TYR A 538 20.85 -5.91 -28.37
C TYR A 538 20.47 -4.66 -29.16
N GLY A 539 19.32 -4.08 -28.81
CA GLY A 539 18.86 -2.82 -29.38
C GLY A 539 19.81 -1.68 -29.05
N ALA A 540 20.37 -1.72 -27.84
CA ALA A 540 21.32 -0.70 -27.38
C ALA A 540 22.61 -0.70 -28.18
N GLU A 541 23.13 -1.90 -28.44
CA GLU A 541 24.41 -2.03 -29.15
C GLU A 541 24.27 -1.68 -30.65
N ALA A 542 23.09 -1.93 -31.20
CA ALA A 542 22.82 -1.64 -32.61
C ALA A 542 22.68 -0.14 -32.87
N ARG A 543 22.13 0.58 -31.89
CA ARG A 543 21.94 2.03 -31.98
C ARG A 543 23.27 2.75 -31.80
N LYS A 544 23.71 3.43 -32.85
CA LYS A 544 25.02 4.09 -32.86
C LYS A 544 24.89 5.61 -32.86
N GLU A 545 24.27 6.13 -31.80
CA GLU A 545 24.08 7.56 -31.59
C GLU A 545 23.88 7.85 -30.10
N SER A 546 23.94 9.14 -29.74
CA SER A 546 23.58 9.57 -28.39
C SER A 546 22.27 10.34 -28.42
N ARG A 547 21.21 9.70 -27.92
CA ARG A 547 19.88 10.30 -27.88
C ARG A 547 19.22 10.01 -26.54
N GLY A 548 18.94 11.07 -25.79
CA GLY A 548 18.26 10.97 -24.50
C GLY A 548 19.06 10.18 -23.48
N ALA A 549 18.45 9.14 -22.93
CA ALA A 549 19.10 8.29 -21.92
C ALA A 549 20.17 7.39 -22.53
N HIS A 550 20.02 7.07 -23.81
CA HIS A 550 21.01 6.28 -24.51
C HIS A 550 22.16 7.17 -24.95
N ALA A 551 23.31 6.97 -24.32
CA ALA A 551 24.51 7.74 -24.64
C ALA A 551 25.63 6.80 -25.07
N ARG A 552 26.09 6.97 -26.30
CA ARG A 552 27.23 6.24 -26.82
C ARG A 552 28.44 7.17 -26.82
N GLU A 553 29.52 6.71 -26.19
CA GLU A 553 30.75 7.51 -26.10
C GLU A 553 31.54 7.44 -27.40
N ASP A 554 31.37 6.34 -28.14
CA ASP A 554 31.94 6.20 -29.49
C ASP A 554 31.08 6.90 -30.54
N PHE A 555 29.86 7.24 -30.18
CA PHE A 555 28.94 7.97 -31.06
C PHE A 555 28.24 9.10 -30.30
N LYS A 556 29.00 10.14 -29.99
CA LYS A 556 28.53 11.29 -29.19
C LYS A 556 27.42 12.10 -29.87
N GLU A 557 27.41 12.07 -31.20
CA GLU A 557 26.52 12.91 -31.99
C GLU A 557 25.06 12.44 -31.98
N ARG A 558 24.15 13.39 -32.20
CA ARG A 558 22.73 13.10 -32.31
C ARG A 558 22.36 13.01 -33.80
N VAL A 559 22.10 11.80 -34.26
CA VAL A 559 21.93 11.53 -35.70
C VAL A 559 20.46 11.58 -36.15
N ASP A 560 20.11 12.67 -36.83
CA ASP A 560 18.76 12.87 -37.37
C ASP A 560 18.77 12.77 -38.89
N GLU A 561 17.62 13.03 -39.51
CA GLU A 561 17.51 13.07 -40.98
C GLU A 561 18.30 14.24 -41.55
N TYR A 562 18.38 15.32 -40.77
CA TYR A 562 19.18 16.49 -41.12
C TYR A 562 20.17 16.80 -40.01
N ASP A 563 21.09 17.72 -40.29
CA ASP A 563 21.91 18.34 -39.25
C ASP A 563 21.14 19.58 -38.79
N TYR A 564 20.40 19.41 -37.70
CA TYR A 564 19.48 20.44 -37.21
C TYR A 564 20.16 21.60 -36.48
N SER A 565 21.50 21.55 -36.39
CA SER A 565 22.28 22.63 -35.81
C SER A 565 22.39 23.81 -36.76
N LYS A 566 22.37 23.51 -38.07
CA LYS A 566 22.39 24.54 -39.11
C LYS A 566 20.99 24.71 -39.76
N PRO A 567 20.80 25.75 -40.59
CA PRO A 567 19.50 25.98 -41.25
C PRO A 567 19.03 24.82 -42.13
N ILE A 568 17.71 24.69 -42.25
CA ILE A 568 17.06 23.62 -42.99
C ILE A 568 16.92 23.93 -44.50
N GLN A 569 17.17 25.19 -44.85
CA GLN A 569 16.90 25.73 -46.20
C GLN A 569 17.29 24.79 -47.36
N GLY A 570 18.60 24.63 -47.59
CA GLY A 570 19.09 23.82 -48.69
C GLY A 570 20.00 22.69 -48.24
N GLN A 571 19.40 21.56 -47.88
CA GLN A 571 20.12 20.42 -47.35
C GLN A 571 19.52 19.11 -47.89
N GLN A 572 20.36 18.10 -48.05
CA GLN A 572 19.92 16.79 -48.54
C GLN A 572 19.46 15.87 -47.40
N LYS A 573 18.22 15.40 -47.50
CA LYS A 573 17.61 14.55 -46.48
C LYS A 573 18.19 13.13 -46.51
N LYS A 574 18.61 12.65 -45.34
CA LYS A 574 19.18 11.32 -45.20
C LYS A 574 18.12 10.21 -45.34
N PRO A 575 18.47 9.11 -46.04
CA PRO A 575 17.59 7.94 -46.15
C PRO A 575 17.27 7.32 -44.78
N PHE A 576 16.16 6.61 -44.71
CA PHE A 576 15.65 6.05 -43.46
C PHE A 576 16.67 5.15 -42.75
N GLN A 577 17.32 4.28 -43.51
CA GLN A 577 18.30 3.34 -42.94
C GLN A 577 19.70 3.94 -42.80
N GLU A 578 19.78 5.27 -42.82
CA GLU A 578 21.04 5.98 -42.72
C GLU A 578 21.10 6.89 -41.48
N HIS A 579 19.92 7.27 -40.96
CA HIS A 579 19.85 8.05 -39.72
C HIS A 579 19.26 7.26 -38.56
N TRP A 580 19.08 7.90 -37.40
CA TRP A 580 18.65 7.20 -36.19
C TRP A 580 17.44 7.81 -35.47
N ARG A 581 16.81 8.80 -36.07
CA ARG A 581 15.59 9.37 -35.50
C ARG A 581 14.41 8.49 -35.87
N LYS A 582 14.40 7.29 -35.28
CA LYS A 582 13.41 6.26 -35.56
C LYS A 582 13.29 5.31 -34.37
N HIS A 583 12.11 4.71 -34.23
CA HIS A 583 11.82 3.78 -33.15
C HIS A 583 12.50 2.44 -33.38
N THR A 584 13.02 1.87 -32.30
CA THR A 584 13.59 0.52 -32.32
C THR A 584 12.47 -0.50 -32.11
N LEU A 585 12.31 -1.40 -33.08
CA LEU A 585 11.38 -2.52 -32.94
C LEU A 585 12.15 -3.82 -32.81
N SER A 586 11.94 -4.52 -31.70
CA SER A 586 12.71 -5.73 -31.39
C SER A 586 11.85 -6.98 -31.29
N TYR A 587 12.35 -8.06 -31.87
CA TYR A 587 11.73 -9.38 -31.79
C TYR A 587 12.76 -10.36 -31.24
N VAL A 588 12.29 -11.41 -30.56
CA VAL A 588 13.18 -12.50 -30.16
C VAL A 588 12.52 -13.87 -30.34
N ASP A 589 13.21 -14.74 -31.07
CA ASP A 589 12.80 -16.13 -31.22
C ASP A 589 12.97 -16.83 -29.88
N VAL A 590 11.84 -17.24 -29.29
CA VAL A 590 11.81 -17.77 -27.92
C VAL A 590 12.67 -19.03 -27.73
N LYS A 591 12.74 -19.88 -28.75
CA LYS A 591 13.56 -21.09 -28.70
C LYS A 591 15.06 -20.78 -28.56
N THR A 592 15.66 -20.23 -29.62
CA THR A 592 17.10 -19.97 -29.67
C THR A 592 17.53 -18.80 -28.80
N GLY A 593 16.66 -17.79 -28.69
CA GLY A 593 16.96 -16.59 -27.93
C GLY A 593 17.79 -15.59 -28.73
N LYS A 594 17.58 -15.55 -30.04
CA LYS A 594 18.26 -14.57 -30.88
C LYS A 594 17.39 -13.33 -31.09
N VAL A 595 18.02 -12.17 -31.18
CA VAL A 595 17.30 -10.92 -31.35
C VAL A 595 17.42 -10.40 -32.78
N SER A 596 16.28 -10.31 -33.45
CA SER A 596 16.20 -9.64 -34.73
C SER A 596 15.43 -8.33 -34.54
N LEU A 597 15.90 -7.27 -35.20
CA LEU A 597 15.30 -5.95 -35.01
C LEU A 597 15.04 -5.16 -36.28
N GLU A 598 13.99 -4.35 -36.24
CA GLU A 598 13.59 -3.47 -37.34
C GLU A 598 13.32 -2.07 -36.80
N TYR A 599 12.91 -1.15 -37.68
CA TYR A 599 12.69 0.23 -37.28
C TYR A 599 11.47 0.84 -37.97
N ARG A 600 10.77 1.71 -37.24
CA ARG A 600 9.63 2.46 -37.79
C ARG A 600 9.76 3.96 -37.48
N PRO A 601 9.14 4.83 -38.32
CA PRO A 601 9.30 6.27 -38.16
C PRO A 601 8.58 6.84 -36.94
N VAL A 602 9.13 7.92 -36.40
CA VAL A 602 8.46 8.68 -35.35
C VAL A 602 7.37 9.55 -35.97
N ILE A 603 6.30 9.79 -35.22
CA ILE A 603 5.20 10.63 -35.72
C ILE A 603 5.41 12.09 -35.29
N ASP A 604 5.61 12.95 -36.29
CA ASP A 604 5.88 14.37 -36.07
C ASP A 604 4.61 15.21 -36.07
N LYS A 605 3.71 14.88 -36.99
CA LYS A 605 2.43 15.60 -37.09
C LYS A 605 1.59 15.40 -35.83
N THR A 606 0.99 16.48 -35.37
CA THR A 606 0.11 16.44 -34.21
C THR A 606 -1.30 16.06 -34.65
N LEU A 607 -2.25 16.12 -33.72
CA LEU A 607 -3.65 15.82 -34.03
C LEU A 607 -4.30 16.96 -34.81
N ASN A 608 -3.82 18.18 -34.56
CA ASN A 608 -4.27 19.38 -35.27
C ASN A 608 -3.18 20.46 -35.26
N GLU A 609 -2.68 20.80 -36.43
CA GLU A 609 -1.61 21.78 -36.59
C GLU A 609 -2.02 23.18 -36.11
N ALA A 610 -3.27 23.54 -36.39
CA ALA A 610 -3.80 24.86 -36.06
C ALA A 610 -3.94 25.10 -34.55
N ASP A 611 -4.23 24.04 -33.81
CA ASP A 611 -4.40 24.12 -32.36
C ASP A 611 -3.08 23.86 -31.62
N CYS A 612 -2.23 23.02 -32.22
CA CYS A 612 -0.95 22.65 -31.62
C CYS A 612 0.09 22.35 -32.71
N ALA A 613 1.00 23.31 -32.91
CA ALA A 613 1.98 23.23 -33.99
C ALA A 613 3.08 22.22 -33.73
N THR A 614 3.49 21.52 -34.78
CA THR A 614 4.61 20.57 -34.73
C THR A 614 5.88 21.30 -34.29
N VAL A 615 6.63 20.67 -33.39
CA VAL A 615 7.91 21.21 -32.96
C VAL A 615 9.04 20.40 -33.59
N PRO A 616 9.71 20.97 -34.63
CA PRO A 616 10.83 20.32 -35.29
C PRO A 616 12.05 20.18 -34.37
N PRO A 617 12.95 19.22 -34.65
CA PRO A 617 14.18 19.01 -33.89
C PRO A 617 15.08 20.25 -33.81
N ALA A 618 15.74 20.40 -32.66
CA ALA A 618 16.68 21.50 -32.43
C ALA A 618 17.81 21.02 -31.52
N ILE A 619 18.71 21.93 -31.15
CA ILE A 619 19.79 21.63 -30.20
C ILE A 619 19.19 21.29 -28.84
N ARG A 620 19.61 20.15 -28.29
CA ARG A 620 19.10 19.63 -27.03
C ARG A 620 20.04 19.93 -25.87
N SER A 621 19.70 20.94 -25.08
CA SER A 621 20.45 21.30 -23.87
C SER A 621 19.62 22.16 -22.92
N TYR A 622 19.82 21.96 -21.62
CA TYR A 622 19.12 22.72 -20.59
C TYR A 622 20.06 23.59 -19.77
N PRO B 9 32.96 -13.28 10.19
CA PRO B 9 31.60 -13.80 10.12
C PRO B 9 30.76 -13.41 11.34
N ARG B 10 29.47 -13.19 11.12
CA ARG B 10 28.55 -12.77 12.19
C ARG B 10 27.16 -13.39 11.98
N ILE B 11 26.91 -14.51 12.67
CA ILE B 11 25.73 -15.34 12.46
C ILE B 11 24.52 -14.88 13.28
N LYS B 12 23.34 -14.92 12.68
CA LYS B 12 22.08 -14.58 13.33
C LYS B 12 21.01 -15.61 12.98
N LYS B 13 20.33 -16.12 14.01
CA LYS B 13 19.31 -17.17 13.84
C LYS B 13 17.92 -16.60 13.63
N PHE B 14 17.12 -17.29 12.82
CA PHE B 14 15.75 -16.87 12.52
C PHE B 14 14.77 -18.03 12.67
N ALA B 15 13.84 -17.91 13.62
CA ALA B 15 12.79 -18.90 13.80
C ALA B 15 11.54 -18.45 13.05
N ILE B 16 11.13 -19.23 12.05
CA ILE B 16 10.04 -18.82 11.15
C ILE B 16 8.92 -19.86 11.07
N TYR B 17 7.68 -19.37 11.19
CA TYR B 17 6.47 -20.19 11.08
C TYR B 17 6.33 -20.78 9.68
N ARG B 18 6.19 -22.11 9.59
CA ARG B 18 6.10 -22.79 8.31
C ARG B 18 4.90 -23.73 8.24
N TRP B 19 4.13 -23.63 7.15
CA TRP B 19 3.05 -24.56 6.86
C TRP B 19 2.80 -24.73 5.36
N ASP B 20 2.85 -25.98 4.91
CA ASP B 20 2.61 -26.32 3.51
C ASP B 20 1.24 -26.95 3.35
N PRO B 21 0.38 -26.37 2.49
CA PRO B 21 -0.98 -26.86 2.26
C PRO B 21 -1.02 -28.06 1.32
N ASP B 22 0.02 -28.23 0.50
CA ASP B 22 0.11 -29.32 -0.46
C ASP B 22 0.72 -30.58 0.15
N LYS B 23 1.44 -30.41 1.25
CA LYS B 23 2.04 -31.53 1.98
C LYS B 23 0.98 -32.25 2.82
N THR B 24 0.84 -33.56 2.60
CA THR B 24 -0.22 -34.35 3.22
C THR B 24 0.00 -34.50 4.73
N GLY B 25 -0.98 -34.05 5.50
CA GLY B 25 -0.97 -34.18 6.96
C GLY B 25 0.11 -33.39 7.67
N ASP B 26 0.54 -32.29 7.06
CA ASP B 26 1.56 -31.43 7.64
C ASP B 26 0.94 -30.38 8.55
N LYS B 27 1.47 -30.29 9.77
CA LYS B 27 0.99 -29.33 10.76
C LYS B 27 1.96 -28.15 10.88
N PRO B 28 1.49 -27.00 11.42
CA PRO B 28 2.35 -25.82 11.58
C PRO B 28 3.55 -26.08 12.49
N HIS B 29 4.72 -25.63 12.05
CA HIS B 29 5.96 -25.80 12.80
C HIS B 29 6.94 -24.66 12.53
N MET B 30 7.96 -24.55 13.37
CA MET B 30 8.98 -23.52 13.22
C MET B 30 10.24 -24.08 12.57
N GLN B 31 10.87 -23.27 11.74
CA GLN B 31 12.15 -23.64 11.11
C GLN B 31 13.18 -22.55 11.33
N THR B 32 14.41 -22.96 11.63
CA THR B 32 15.49 -22.03 11.92
C THR B 32 16.48 -21.93 10.75
N TYR B 33 16.89 -20.70 10.44
CA TYR B 33 17.88 -20.44 9.40
C TYR B 33 19.03 -19.59 9.94
N GLU B 34 20.24 -19.88 9.48
CA GLU B 34 21.43 -19.17 9.92
C GLU B 34 21.99 -18.26 8.83
N ILE B 35 22.14 -16.98 9.16
CA ILE B 35 22.50 -15.95 8.19
C ILE B 35 23.67 -15.08 8.67
N ASP B 36 24.67 -14.93 7.80
CA ASP B 36 25.77 -13.99 8.06
C ASP B 36 25.30 -12.58 7.74
N LEU B 37 25.32 -11.71 8.75
CA LEU B 37 24.83 -10.33 8.59
C LEU B 37 25.79 -9.43 7.82
N ASN B 38 27.02 -9.90 7.61
CA ASN B 38 27.99 -9.19 6.78
C ASN B 38 27.67 -9.30 5.29
N ASN B 39 26.79 -10.25 4.95
CA ASN B 39 26.38 -10.50 3.56
C ASN B 39 24.89 -10.26 3.34
N CYS B 40 24.26 -9.52 4.25
CA CYS B 40 22.82 -9.27 4.21
C CYS B 40 22.47 -7.81 4.51
N GLY B 41 21.36 -7.35 3.95
CA GLY B 41 20.84 -6.00 4.21
C GLY B 41 20.39 -5.81 5.65
N PRO B 42 20.17 -4.55 6.06
CA PRO B 42 19.84 -4.24 7.46
C PRO B 42 18.43 -4.66 7.90
N MET B 43 17.53 -4.84 6.94
CA MET B 43 16.11 -5.11 7.25
C MET B 43 15.78 -6.60 7.24
N VAL B 44 14.68 -6.96 7.91
CA VAL B 44 14.28 -8.35 8.06
C VAL B 44 13.83 -8.99 6.74
N LEU B 45 13.23 -8.18 5.86
CA LEU B 45 12.84 -8.67 4.54
C LEU B 45 14.07 -9.10 3.74
N ASP B 46 15.16 -8.36 3.88
CA ASP B 46 16.45 -8.72 3.28
C ASP B 46 16.85 -10.13 3.69
N ALA B 47 16.72 -10.43 4.99
CA ALA B 47 16.98 -11.77 5.52
C ALA B 47 16.08 -12.81 4.85
N LEU B 48 14.78 -12.57 4.88
CA LEU B 48 13.79 -13.46 4.26
C LEU B 48 14.10 -13.72 2.78
N ILE B 49 14.44 -12.66 2.05
CA ILE B 49 14.84 -12.78 0.65
C ILE B 49 16.13 -13.59 0.51
N LYS B 50 17.09 -13.32 1.39
CA LYS B 50 18.38 -14.02 1.36
C LYS B 50 18.24 -15.52 1.62
N ILE B 51 17.39 -15.89 2.58
CA ILE B 51 17.18 -17.31 2.88
C ILE B 51 16.31 -17.97 1.80
N LYS B 52 15.49 -17.17 1.14
CA LYS B 52 14.73 -17.63 -0.02
C LYS B 52 15.68 -17.90 -1.19
N ASN B 53 16.60 -16.98 -1.44
CA ASN B 53 17.51 -17.05 -2.58
C ASN B 53 18.67 -18.04 -2.43
N GLU B 54 19.12 -18.26 -1.20
CA GLU B 54 20.33 -19.05 -0.96
C GLU B 54 20.08 -20.34 -0.19
N ILE B 55 19.23 -20.27 0.83
CA ILE B 55 18.99 -21.40 1.72
C ILE B 55 17.79 -22.23 1.27
N ASP B 56 16.58 -21.70 1.49
CA ASP B 56 15.35 -22.42 1.19
C ASP B 56 14.39 -21.57 0.34
N SER B 57 14.20 -21.99 -0.90
CA SER B 57 13.29 -21.31 -1.83
C SER B 57 11.85 -21.81 -1.69
N THR B 58 11.52 -22.34 -0.51
CA THR B 58 10.17 -22.79 -0.22
C THR B 58 9.47 -21.77 0.68
N LEU B 59 10.27 -20.97 1.39
CA LEU B 59 9.72 -19.92 2.25
C LEU B 59 8.90 -18.92 1.43
N THR B 60 7.59 -18.98 1.63
CA THR B 60 6.66 -18.16 0.86
C THR B 60 6.18 -16.97 1.70
N PHE B 61 6.38 -15.77 1.15
CA PHE B 61 5.94 -14.53 1.77
C PHE B 61 5.60 -13.49 0.71
N ARG B 62 4.78 -12.50 1.09
CA ARG B 62 4.43 -11.40 0.21
C ARG B 62 5.46 -10.27 0.33
N ARG B 63 5.83 -9.69 -0.81
CA ARG B 63 6.71 -8.52 -0.84
C ARG B 63 6.59 -7.79 -2.17
N SER B 64 6.88 -6.49 -2.15
CA SER B 64 6.88 -5.68 -3.37
C SER B 64 7.79 -4.45 -3.28
N CYS B 65 7.33 -3.40 -2.61
CA CYS B 65 7.97 -2.08 -2.67
C CYS B 65 9.34 -1.99 -2.02
N ARG B 66 9.55 -2.79 -0.97
CA ARG B 66 10.84 -2.86 -0.27
C ARG B 66 11.18 -1.58 0.53
N GLU B 67 10.35 -0.55 0.38
CA GLU B 67 10.58 0.76 1.01
C GLU B 67 9.51 1.18 2.02
N GLY B 68 8.50 0.32 2.22
CA GLY B 68 7.46 0.54 3.24
C GLY B 68 6.33 1.49 2.88
N ILE B 69 5.74 1.29 1.70
CA ILE B 69 4.52 2.03 1.29
C ILE B 69 3.48 1.18 0.58
N CYS B 70 3.82 -0.06 0.25
CA CYS B 70 2.86 -0.96 -0.38
C CYS B 70 2.12 -1.81 0.65
N GLY B 71 2.82 -2.21 1.70
CA GLY B 71 2.21 -2.96 2.81
C GLY B 71 2.04 -4.44 2.55
N SER B 72 2.81 -4.97 1.61
CA SER B 72 2.76 -6.38 1.25
C SER B 72 3.38 -7.29 2.30
N CYS B 73 4.52 -6.87 2.84
CA CYS B 73 5.34 -7.70 3.72
C CYS B 73 4.93 -7.66 5.21
N ALA B 74 3.75 -7.14 5.50
CA ALA B 74 3.25 -7.03 6.86
C ALA B 74 3.21 -8.40 7.55
N MET B 75 3.89 -8.52 8.68
CA MET B 75 3.96 -9.77 9.44
C MET B 75 4.36 -9.50 10.90
N ASN B 76 4.19 -10.51 11.74
CA ASN B 76 4.56 -10.42 13.15
C ASN B 76 6.03 -10.74 13.38
N ILE B 77 6.79 -9.70 13.73
CA ILE B 77 8.21 -9.85 14.04
C ILE B 77 8.43 -9.62 15.53
N ASN B 78 8.99 -10.63 16.20
CA ASN B 78 9.30 -10.59 17.63
C ASN B 78 8.13 -10.16 18.51
N GLY B 79 6.93 -10.65 18.17
CA GLY B 79 5.72 -10.38 18.93
C GLY B 79 5.02 -9.08 18.60
N GLY B 80 5.46 -8.42 17.53
CA GLY B 80 4.88 -7.15 17.10
C GLY B 80 4.61 -7.10 15.60
N ASN B 81 3.47 -6.55 15.23
CA ASN B 81 3.09 -6.42 13.83
C ASN B 81 3.73 -5.20 13.18
N THR B 82 4.63 -5.45 12.23
CA THR B 82 5.22 -4.39 11.41
C THR B 82 5.43 -4.85 9.97
N LEU B 83 6.21 -4.06 9.24
CA LEU B 83 6.62 -4.40 7.88
C LEU B 83 8.08 -4.85 7.94
N ALA B 84 8.38 -5.98 7.31
CA ALA B 84 9.71 -6.58 7.33
C ALA B 84 10.78 -5.72 6.65
N CYS B 85 10.36 -4.89 5.69
CA CYS B 85 11.27 -4.03 4.93
C CYS B 85 11.66 -2.74 5.64
N THR B 86 11.05 -2.47 6.78
CA THR B 86 11.28 -1.25 7.55
C THR B 86 11.89 -1.56 8.92
N ARG B 87 11.55 -2.74 9.45
CA ARG B 87 12.12 -3.22 10.71
C ARG B 87 13.56 -3.71 10.48
N ARG B 88 14.51 -3.05 11.13
CA ARG B 88 15.91 -3.47 11.05
C ARG B 88 16.20 -4.63 12.01
N ILE B 89 17.01 -5.57 11.54
CA ILE B 89 17.37 -6.77 12.31
C ILE B 89 18.12 -6.37 13.57
N ASP B 90 17.75 -6.99 14.69
CA ASP B 90 18.43 -6.78 15.96
C ASP B 90 19.81 -7.43 15.89
N THR B 91 20.84 -6.59 15.86
CA THR B 91 22.24 -7.05 15.72
C THR B 91 22.72 -7.87 16.92
N ASN B 92 21.85 -7.99 17.93
CA ASN B 92 22.10 -8.87 19.07
C ASN B 92 22.09 -10.33 18.61
N LEU B 93 23.24 -10.97 18.70
CA LEU B 93 23.42 -12.33 18.15
C LEU B 93 22.89 -13.42 19.08
N ASP B 94 22.93 -13.15 20.38
CA ASP B 94 22.44 -14.10 21.39
C ASP B 94 20.92 -14.28 21.32
N LYS B 95 20.23 -13.27 20.79
CA LYS B 95 18.79 -13.32 20.56
C LYS B 95 18.48 -13.96 19.21
N VAL B 96 17.35 -14.65 19.15
CA VAL B 96 16.89 -15.26 17.91
C VAL B 96 15.57 -14.61 17.44
N SER B 97 15.60 -14.04 16.24
CA SER B 97 14.40 -13.41 15.65
C SER B 97 13.30 -14.43 15.40
N LYS B 98 12.13 -14.18 15.98
CA LYS B 98 10.96 -15.00 15.76
C LYS B 98 10.02 -14.31 14.79
N ILE B 99 9.74 -14.97 13.67
CA ILE B 99 8.89 -14.45 12.62
C ILE B 99 7.62 -15.29 12.48
N TYR B 100 6.47 -14.62 12.59
CA TYR B 100 5.17 -15.26 12.48
C TYR B 100 4.29 -14.52 11.47
N PRO B 101 3.22 -15.19 10.97
CA PRO B 101 2.23 -14.47 10.17
C PRO B 101 1.42 -13.53 11.05
N LEU B 102 0.61 -12.68 10.42
CA LEU B 102 -0.28 -11.81 11.16
C LEU B 102 -1.23 -12.64 12.03
N PRO B 103 -1.27 -12.35 13.35
CA PRO B 103 -2.02 -13.08 14.37
C PRO B 103 -3.53 -13.26 14.08
N HIS B 104 -4.05 -14.42 14.47
CA HIS B 104 -5.46 -14.78 14.31
C HIS B 104 -5.95 -14.60 12.88
N MET B 105 -5.23 -15.20 11.94
CA MET B 105 -5.60 -15.18 10.53
C MET B 105 -5.46 -16.58 9.94
N TYR B 106 -6.29 -16.89 8.95
CA TYR B 106 -6.20 -18.17 8.26
C TYR B 106 -4.95 -18.19 7.39
N VAL B 107 -4.10 -19.19 7.60
CA VAL B 107 -2.83 -19.28 6.90
C VAL B 107 -3.01 -20.02 5.58
N ILE B 108 -2.81 -19.29 4.47
CA ILE B 108 -2.85 -19.90 3.15
C ILE B 108 -1.63 -20.81 3.01
N LYS B 109 -0.45 -20.24 3.28
CA LYS B 109 0.83 -20.95 3.25
C LYS B 109 1.93 -20.11 3.90
N ASP B 110 2.65 -20.72 4.84
CA ASP B 110 3.79 -20.07 5.52
C ASP B 110 3.25 -18.76 6.08
N LEU B 111 3.94 -17.65 5.76
CA LEU B 111 3.62 -16.33 6.29
C LEU B 111 2.61 -15.52 5.50
N VAL B 112 1.85 -16.19 4.64
CA VAL B 112 0.88 -15.52 3.78
C VAL B 112 -0.55 -15.76 4.31
N PRO B 113 -1.14 -14.71 4.94
CA PRO B 113 -2.49 -14.81 5.48
C PRO B 113 -3.58 -14.39 4.49
N ASP B 114 -4.78 -14.94 4.68
CA ASP B 114 -5.94 -14.60 3.86
C ASP B 114 -6.52 -13.26 4.31
N LEU B 115 -6.32 -12.24 3.48
CA LEU B 115 -6.72 -10.87 3.80
C LEU B 115 -8.01 -10.45 3.08
N SER B 116 -8.64 -11.40 2.37
CA SER B 116 -9.81 -11.09 1.54
C SER B 116 -11.02 -10.60 2.35
N ASN B 117 -11.16 -11.06 3.59
CA ASN B 117 -12.17 -10.52 4.49
C ASN B 117 -11.86 -9.08 4.88
N PHE B 118 -10.60 -8.84 5.23
CA PHE B 118 -10.11 -7.50 5.57
C PHE B 118 -10.45 -6.50 4.46
N TYR B 119 -10.14 -6.86 3.21
CA TYR B 119 -10.42 -6.02 2.06
C TYR B 119 -11.92 -5.79 1.85
N ALA B 120 -12.70 -6.84 2.11
CA ALA B 120 -14.15 -6.78 1.94
C ALA B 120 -14.79 -5.78 2.89
N GLN B 121 -14.25 -5.70 4.11
CA GLN B 121 -14.70 -4.73 5.11
C GLN B 121 -14.43 -3.30 4.63
N TYR B 122 -13.26 -3.11 4.04
CA TYR B 122 -12.86 -1.83 3.46
C TYR B 122 -13.82 -1.41 2.35
N LYS B 123 -14.27 -2.39 1.57
CA LYS B 123 -15.22 -2.15 0.49
C LYS B 123 -16.57 -1.65 1.02
N SER B 124 -16.98 -2.15 2.19
CA SER B 124 -18.31 -1.89 2.71
C SER B 124 -18.51 -0.50 3.34
N ILE B 125 -17.42 0.24 3.50
CA ILE B 125 -17.51 1.61 4.01
C ILE B 125 -17.50 2.65 2.88
N GLU B 126 -17.40 2.15 1.65
CA GLU B 126 -17.39 2.99 0.44
C GLU B 126 -16.31 4.08 0.48
N PRO B 127 -15.03 3.67 0.32
CA PRO B 127 -13.89 4.59 0.45
C PRO B 127 -13.64 5.42 -0.81
N TYR B 128 -14.61 6.27 -1.15
CA TYR B 128 -14.51 7.18 -2.29
C TYR B 128 -15.36 8.41 -2.06
N LEU B 129 -14.99 9.51 -2.72
CA LEU B 129 -15.70 10.78 -2.59
C LEU B 129 -17.13 10.65 -3.10
N LYS B 130 -18.09 11.11 -2.30
CA LYS B 130 -19.50 11.09 -2.67
C LYS B 130 -20.11 12.49 -2.60
N LYS B 131 -20.72 12.90 -3.70
CA LYS B 131 -21.41 14.19 -3.79
C LYS B 131 -22.91 14.00 -4.01
N LYS B 132 -23.71 14.92 -3.48
CA LYS B 132 -25.16 14.89 -3.63
C LYS B 132 -25.57 15.12 -5.10
N ASP B 133 -24.91 16.08 -5.75
CA ASP B 133 -25.08 16.33 -7.16
C ASP B 133 -23.77 16.02 -7.89
N GLU B 134 -23.80 14.97 -8.71
CA GLU B 134 -22.59 14.46 -9.37
C GLU B 134 -22.58 14.72 -10.88
N SER B 135 -23.49 15.57 -11.34
CA SER B 135 -23.61 15.87 -12.76
C SER B 135 -22.54 16.84 -13.26
N GLN B 136 -21.81 17.45 -12.32
CA GLN B 136 -20.81 18.46 -12.64
C GLN B 136 -19.36 17.96 -12.55
N GLU B 137 -19.18 16.72 -12.10
CA GLU B 137 -17.84 16.19 -11.85
C GLU B 137 -17.00 16.00 -13.13
N GLY B 138 -15.69 16.20 -12.98
CA GLY B 138 -14.73 15.97 -14.05
C GLY B 138 -14.34 17.20 -14.86
N LYS B 139 -15.01 18.32 -14.62
CA LYS B 139 -14.74 19.55 -15.38
C LYS B 139 -14.23 20.72 -14.54
N GLN B 140 -14.53 20.71 -13.24
CA GLN B 140 -14.04 21.74 -12.33
C GLN B 140 -13.48 21.15 -11.05
N GLN B 141 -12.29 21.58 -10.67
CA GLN B 141 -11.65 21.15 -9.42
C GLN B 141 -12.42 21.66 -8.20
N TYR B 142 -12.68 20.76 -7.26
CA TYR B 142 -13.35 21.11 -6.02
C TYR B 142 -12.43 21.94 -5.12
N LEU B 143 -13.02 22.91 -4.43
CA LEU B 143 -12.26 23.79 -3.55
C LEU B 143 -12.14 23.23 -2.14
N GLN B 144 -10.91 23.19 -1.63
CA GLN B 144 -10.61 22.75 -0.28
C GLN B 144 -9.50 23.62 0.29
N SER B 145 -9.79 24.29 1.40
CA SER B 145 -8.82 25.20 2.03
C SER B 145 -7.67 24.43 2.66
N ILE B 146 -6.57 25.14 2.91
CA ILE B 146 -5.38 24.55 3.54
C ILE B 146 -5.67 23.90 4.89
N GLU B 147 -6.57 24.50 5.67
CA GLU B 147 -6.97 23.96 6.97
C GLU B 147 -7.83 22.68 6.82
N GLU B 148 -8.80 22.74 5.91
CA GLU B 148 -9.68 21.60 5.63
C GLU B 148 -8.88 20.40 5.13
N ARG B 149 -7.79 20.69 4.43
CA ARG B 149 -6.89 19.67 3.92
C ARG B 149 -6.05 19.05 5.04
N GLU B 150 -5.60 19.87 5.99
CA GLU B 150 -4.79 19.41 7.12
C GLU B 150 -5.47 18.35 7.98
N LYS B 151 -6.80 18.39 8.04
CA LYS B 151 -7.59 17.40 8.77
C LYS B 151 -7.32 15.97 8.30
N LEU B 152 -6.94 15.84 7.02
CA LEU B 152 -6.66 14.53 6.43
C LEU B 152 -5.30 13.98 6.81
N ASP B 153 -4.36 14.86 7.15
CA ASP B 153 -3.02 14.43 7.56
C ASP B 153 -3.10 13.50 8.75
N GLY B 154 -2.35 12.41 8.68
CA GLY B 154 -2.38 11.39 9.72
C GLY B 154 -3.39 10.29 9.44
N LEU B 155 -4.26 10.50 8.45
CA LEU B 155 -5.33 9.54 8.13
C LEU B 155 -5.18 8.95 6.73
N TYR B 156 -4.92 9.80 5.74
CA TYR B 156 -4.85 9.37 4.34
C TYR B 156 -3.62 8.53 4.03
N GLU B 157 -2.58 8.67 4.85
CA GLU B 157 -1.29 8.01 4.62
C GLU B 157 -1.37 6.49 4.76
N CYS B 158 -2.50 6.00 5.24
CA CYS B 158 -2.70 4.58 5.50
C CYS B 158 -2.32 3.69 4.31
N ILE B 159 -1.72 2.55 4.62
CA ILE B 159 -1.14 1.65 3.64
C ILE B 159 -2.02 0.42 3.44
N LEU B 160 -2.92 0.19 4.38
CA LEU B 160 -3.75 -1.03 4.43
C LEU B 160 -2.88 -2.28 4.54
N CYS B 161 -1.86 -2.20 5.41
CA CYS B 161 -0.97 -3.32 5.69
C CYS B 161 -1.66 -4.34 6.60
N ALA B 162 -2.65 -3.87 7.36
CA ALA B 162 -3.47 -4.69 8.25
C ALA B 162 -2.82 -5.05 9.60
N CYS B 163 -1.66 -4.43 9.88
CA CYS B 163 -0.96 -4.66 11.14
C CYS B 163 -1.83 -4.33 12.34
N CYS B 164 -2.44 -3.13 12.31
CA CYS B 164 -3.27 -2.64 13.42
C CYS B 164 -4.46 -3.54 13.70
N SER B 165 -5.29 -3.78 12.69
CA SER B 165 -6.47 -4.63 12.83
C SER B 165 -6.11 -6.02 13.35
N THR B 166 -4.97 -6.52 12.89
CA THR B 166 -4.51 -7.86 13.27
C THR B 166 -3.87 -7.86 14.67
N SER B 167 -3.63 -6.68 15.21
CA SER B 167 -3.13 -6.56 16.57
C SER B 167 -4.26 -6.38 17.59
N CYS B 168 -5.46 -6.07 17.08
CA CYS B 168 -6.61 -5.77 17.95
C CYS B 168 -7.31 -7.02 18.45
N PRO B 169 -7.30 -7.24 19.78
CA PRO B 169 -7.93 -8.41 20.37
C PRO B 169 -9.43 -8.51 20.07
N SER B 170 -10.09 -7.36 19.90
CA SER B 170 -11.50 -7.32 19.49
C SER B 170 -11.68 -7.85 18.09
N TYR B 171 -10.68 -7.59 17.23
CA TYR B 171 -10.68 -8.08 15.87
C TYR B 171 -10.32 -9.57 15.80
N TRP B 172 -9.64 -10.08 16.83
CA TRP B 172 -9.40 -11.52 16.92
C TRP B 172 -10.72 -12.25 17.19
N TRP B 173 -11.37 -11.88 18.30
CA TRP B 173 -12.58 -12.57 18.74
C TRP B 173 -13.80 -12.26 17.86
N ASN B 174 -13.81 -11.10 17.22
CA ASN B 174 -15.00 -10.65 16.49
C ASN B 174 -14.75 -10.07 15.09
N GLY B 175 -13.65 -10.49 14.47
CA GLY B 175 -13.25 -10.00 13.15
C GLY B 175 -14.25 -10.19 12.03
N ASP B 176 -15.21 -11.09 12.23
CA ASP B 176 -16.27 -11.32 11.27
C ASP B 176 -17.23 -10.12 11.16
N LYS B 177 -17.63 -9.59 12.30
CA LYS B 177 -18.67 -8.55 12.37
C LYS B 177 -18.15 -7.16 12.73
N TYR B 178 -16.93 -7.09 13.25
CA TYR B 178 -16.31 -5.83 13.65
C TYR B 178 -15.26 -5.36 12.64
N LEU B 179 -15.44 -4.13 12.15
CA LEU B 179 -14.65 -3.61 11.03
C LEU B 179 -13.16 -3.43 11.32
N GLY B 180 -12.82 -3.17 12.59
CA GLY B 180 -11.42 -3.03 13.00
C GLY B 180 -10.81 -1.65 12.73
N PRO B 181 -9.62 -1.40 13.31
CA PRO B 181 -8.89 -0.13 13.26
C PRO B 181 -8.74 0.44 11.85
N ALA B 182 -8.09 -0.33 10.97
CA ALA B 182 -7.75 0.14 9.62
C ALA B 182 -8.95 0.66 8.85
N VAL B 183 -9.99 -0.17 8.72
CA VAL B 183 -11.19 0.18 7.98
C VAL B 183 -11.95 1.34 8.64
N LEU B 184 -12.01 1.36 9.97
CA LEU B 184 -12.69 2.41 10.70
C LEU B 184 -12.02 3.77 10.52
N MET B 185 -10.69 3.80 10.58
CA MET B 185 -9.95 5.05 10.38
C MET B 185 -10.22 5.62 8.99
N GLN B 186 -10.46 4.74 8.03
CA GLN B 186 -10.74 5.14 6.65
C GLN B 186 -12.15 5.68 6.50
N ALA B 187 -13.08 5.16 7.30
CA ALA B 187 -14.43 5.70 7.34
C ALA B 187 -14.37 7.12 7.90
N TYR B 188 -13.51 7.32 8.89
CA TYR B 188 -13.28 8.65 9.47
C TYR B 188 -12.60 9.57 8.46
N ARG B 189 -11.71 8.98 7.67
CA ARG B 189 -10.97 9.69 6.61
C ARG B 189 -11.91 10.39 5.63
N TRP B 190 -13.05 9.76 5.36
CA TRP B 190 -14.05 10.33 4.47
C TRP B 190 -15.08 11.19 5.20
N MET B 191 -15.23 10.95 6.50
CA MET B 191 -16.16 11.71 7.33
C MET B 191 -15.79 13.19 7.46
N ILE B 192 -14.52 13.48 7.74
CA ILE B 192 -14.09 14.88 7.91
C ILE B 192 -13.47 15.50 6.66
N ASP B 193 -13.43 14.73 5.57
CA ASP B 193 -13.08 15.30 4.26
C ASP B 193 -14.19 16.28 3.89
N SER B 194 -13.82 17.55 3.75
CA SER B 194 -14.78 18.64 3.52
C SER B 194 -15.55 18.50 2.21
N ARG B 195 -14.94 17.81 1.23
CA ARG B 195 -15.55 17.63 -0.09
C ARG B 195 -16.68 16.60 -0.09
N ASP B 196 -16.69 15.72 0.91
CA ASP B 196 -17.70 14.66 1.00
C ASP B 196 -19.04 15.20 1.52
N ASP B 197 -20.13 14.70 0.95
CA ASP B 197 -21.48 15.15 1.28
C ASP B 197 -22.31 14.08 2.00
N PHE B 198 -21.68 12.96 2.33
CA PHE B 198 -22.37 11.83 2.93
C PHE B 198 -21.93 11.52 4.37
N THR B 199 -21.59 12.58 5.10
CA THR B 199 -21.10 12.46 6.49
C THR B 199 -22.12 11.73 7.39
N GLU B 200 -23.36 12.19 7.35
CA GLU B 200 -24.44 11.62 8.17
C GLU B 200 -24.71 10.16 7.85
N GLU B 201 -24.79 9.82 6.57
CA GLU B 201 -25.08 8.45 6.14
C GLU B 201 -23.95 7.50 6.51
N ARG B 202 -22.71 7.95 6.37
CA ARG B 202 -21.54 7.14 6.74
C ARG B 202 -21.54 6.77 8.21
N LEU B 203 -21.96 7.71 9.06
CA LEU B 203 -22.09 7.46 10.49
C LEU B 203 -23.18 6.45 10.79
N ALA B 204 -24.33 6.59 10.11
CA ALA B 204 -25.47 5.70 10.30
C ALA B 204 -25.18 4.25 9.92
N LYS B 205 -24.22 4.05 9.03
CA LYS B 205 -23.78 2.72 8.60
C LYS B 205 -23.10 1.94 9.74
N LEU B 206 -22.79 2.66 10.82
CA LEU B 206 -22.11 2.09 11.98
C LEU B 206 -23.05 1.93 13.18
N GLN B 207 -24.34 2.12 12.96
CA GLN B 207 -25.33 2.08 14.04
C GLN B 207 -25.78 0.66 14.34
N ASP B 208 -24.84 -0.13 14.85
CA ASP B 208 -25.11 -1.48 15.35
C ASP B 208 -24.08 -1.81 16.44
N PRO B 209 -24.29 -2.91 17.19
CA PRO B 209 -23.37 -3.25 18.28
C PRO B 209 -21.96 -3.66 17.85
N PHE B 210 -21.75 -3.99 16.58
CA PHE B 210 -20.47 -4.57 16.16
C PHE B 210 -19.55 -3.70 15.29
N SER B 211 -20.10 -3.10 14.23
CA SER B 211 -19.31 -2.35 13.25
C SER B 211 -18.24 -1.43 13.83
N LEU B 212 -18.65 -0.60 14.80
CA LEU B 212 -17.74 0.35 15.47
C LEU B 212 -17.56 0.02 16.95
N TYR B 213 -18.64 -0.43 17.59
CA TYR B 213 -18.68 -0.50 19.05
C TYR B 213 -18.07 -1.75 19.69
N ARG B 214 -17.27 -2.48 18.93
CA ARG B 214 -16.47 -3.57 19.49
C ARG B 214 -15.09 -3.06 19.89
N CYS B 215 -14.82 -1.80 19.60
CA CYS B 215 -13.62 -1.15 20.12
C CYS B 215 -13.81 -0.82 21.59
N HIS B 216 -12.88 -1.29 22.42
CA HIS B 216 -12.90 -1.03 23.86
C HIS B 216 -11.65 -0.27 24.31
N THR B 217 -11.05 0.47 23.38
CA THR B 217 -9.84 1.27 23.60
C THR B 217 -8.68 0.47 24.21
N ILE B 218 -8.35 -0.64 23.56
CA ILE B 218 -7.22 -1.48 23.96
C ILE B 218 -5.91 -0.81 23.49
N MET B 219 -5.99 -0.13 22.35
CA MET B 219 -4.92 0.72 21.82
C MET B 219 -3.67 -0.03 21.33
N ASN B 220 -3.83 -1.32 21.03
CA ASN B 220 -2.80 -2.10 20.37
C ASN B 220 -2.52 -1.64 18.95
N CYS B 221 -3.56 -1.11 18.30
CA CYS B 221 -3.48 -0.66 16.91
C CYS B 221 -2.45 0.45 16.71
N THR B 222 -2.58 1.53 17.49
CA THR B 222 -1.68 2.68 17.39
C THR B 222 -0.24 2.28 17.72
N GLY B 223 -0.08 1.48 18.76
CA GLY B 223 1.24 1.04 19.21
C GLY B 223 2.00 0.17 18.22
N THR B 224 1.29 -0.39 17.24
CA THR B 224 1.91 -1.30 16.30
C THR B 224 2.06 -0.74 14.87
N CYS B 225 1.28 0.28 14.54
CA CYS B 225 1.23 0.83 13.18
C CYS B 225 2.61 1.29 12.69
N PRO B 226 3.13 0.62 11.65
CA PRO B 226 4.47 0.87 11.12
C PRO B 226 4.66 2.26 10.50
N LYS B 227 3.56 2.92 10.17
CA LYS B 227 3.61 4.24 9.54
C LYS B 227 3.45 5.39 10.54
N GLY B 228 3.31 5.05 11.82
CA GLY B 228 3.24 6.04 12.89
C GLY B 228 1.88 6.68 13.07
N LEU B 229 0.86 6.06 12.48
CA LEU B 229 -0.50 6.59 12.50
C LEU B 229 -1.25 6.22 13.79
N ASN B 230 -2.38 6.88 14.02
CA ASN B 230 -3.14 6.71 15.26
C ASN B 230 -4.62 6.38 14.99
N PRO B 231 -4.91 5.11 14.66
CA PRO B 231 -6.29 4.71 14.35
C PRO B 231 -7.22 4.78 15.57
N GLY B 232 -6.70 4.39 16.74
CA GLY B 232 -7.47 4.43 17.98
C GLY B 232 -8.04 5.81 18.27
N LYS B 233 -7.21 6.84 18.07
CA LYS B 233 -7.62 8.24 18.22
C LYS B 233 -8.74 8.61 17.24
N ALA B 234 -8.64 8.11 16.02
CA ALA B 234 -9.67 8.34 15.01
C ALA B 234 -10.97 7.62 15.36
N ILE B 235 -10.86 6.41 15.89
CA ILE B 235 -12.01 5.64 16.37
C ILE B 235 -12.69 6.40 17.51
N ALA B 236 -11.87 6.94 18.42
CA ALA B 236 -12.37 7.78 19.51
C ALA B 236 -13.10 8.99 18.98
N GLU B 237 -12.59 9.54 17.88
CA GLU B 237 -13.16 10.71 17.26
C GLU B 237 -14.45 10.38 16.50
N ILE B 238 -14.54 9.15 15.98
CA ILE B 238 -15.77 8.67 15.35
C ILE B 238 -16.87 8.57 16.40
N LYS B 239 -16.56 7.96 17.54
CA LYS B 239 -17.51 7.75 18.61
C LYS B 239 -18.13 9.07 19.07
N LYS B 240 -17.31 10.12 19.11
CA LYS B 240 -17.75 11.46 19.48
C LYS B 240 -18.70 12.06 18.46
N MET B 241 -18.53 11.69 17.18
CA MET B 241 -19.39 12.18 16.12
C MET B 241 -20.75 11.47 16.15
N MET B 242 -20.72 10.16 16.42
CA MET B 242 -21.92 9.34 16.52
C MET B 242 -22.87 9.85 17.61
N ALA B 243 -22.31 10.34 18.70
CA ALA B 243 -23.08 10.83 19.84
C ALA B 243 -23.60 12.26 19.63
N THR B 244 -23.00 12.99 18.69
CA THR B 244 -23.26 14.42 18.53
C THR B 244 -23.96 14.84 17.24
N TYR B 245 -23.94 13.98 16.22
CA TYR B 245 -24.55 14.32 14.91
C TYR B 245 -26.07 14.31 14.98
N LYS B 246 -26.68 15.32 14.35
CA LYS B 246 -28.15 15.48 14.37
C LYS B 246 -28.85 14.96 13.10
N GLU B 247 -30.18 14.84 13.19
CA GLU B 247 -31.04 14.35 12.11
C GLU B 247 -30.75 12.88 11.78
N THR C 3 -19.54 -8.70 -7.77
CA THR C 3 -19.37 -9.24 -6.40
C THR C 3 -19.36 -8.15 -5.32
N THR C 4 -20.34 -8.20 -4.41
CA THR C 4 -20.49 -7.19 -3.37
C THR C 4 -19.65 -7.51 -2.14
N ALA C 5 -19.39 -6.47 -1.33
CA ALA C 5 -18.62 -6.61 -0.09
C ALA C 5 -19.21 -7.67 0.85
N LYS C 6 -20.54 -7.69 0.94
CA LYS C 6 -21.27 -8.67 1.74
C LYS C 6 -21.05 -10.10 1.20
N GLU C 7 -21.07 -10.23 -0.13
CA GLU C 7 -20.86 -11.53 -0.79
C GLU C 7 -19.44 -12.07 -0.60
N GLU C 8 -18.46 -11.16 -0.62
CA GLU C 8 -17.05 -11.54 -0.43
C GLU C 8 -16.78 -12.10 0.96
N MET C 9 -17.40 -11.48 1.96
CA MET C 9 -17.30 -11.95 3.34
C MET C 9 -17.93 -13.32 3.52
N GLU C 10 -19.09 -13.51 2.89
CA GLU C 10 -19.84 -14.75 2.96
C GLU C 10 -19.08 -15.89 2.27
N ARG C 11 -18.29 -15.55 1.26
CA ARG C 11 -17.46 -16.51 0.52
C ARG C 11 -16.13 -16.76 1.21
N PHE C 12 -15.62 -15.74 1.90
CA PHE C 12 -14.40 -15.87 2.72
C PHE C 12 -14.56 -16.94 3.78
N TRP C 13 -15.66 -16.86 4.53
CA TRP C 13 -15.92 -17.77 5.65
C TRP C 13 -16.30 -19.18 5.22
N ASN C 14 -16.90 -19.30 4.03
CA ASN C 14 -17.18 -20.60 3.45
C ASN C 14 -15.91 -21.31 3.01
N LYS C 15 -14.95 -20.52 2.52
CA LYS C 15 -13.69 -21.03 2.00
C LYS C 15 -12.82 -21.61 3.13
N ASN C 16 -12.65 -20.84 4.20
CA ASN C 16 -11.70 -21.16 5.26
C ASN C 16 -12.16 -22.21 6.26
N LEU C 17 -13.45 -22.20 6.60
CA LEU C 17 -14.02 -23.16 7.53
C LEU C 17 -14.13 -24.57 6.95
N GLY C 18 -14.22 -24.65 5.63
CA GLY C 18 -14.25 -25.93 4.91
C GLY C 18 -12.89 -26.28 4.32
N SER C 19 -11.82 -25.84 4.99
CA SER C 19 -10.46 -26.10 4.55
C SER C 19 -9.57 -26.57 5.71
N ASN C 20 -8.38 -27.04 5.37
CA ASN C 20 -7.38 -27.46 6.34
C ASN C 20 -6.44 -26.33 6.78
N ARG C 21 -6.85 -25.09 6.52
CA ARG C 21 -6.06 -23.92 6.84
C ARG C 21 -6.03 -23.64 8.34
N PRO C 22 -4.83 -23.51 8.92
CA PRO C 22 -4.68 -23.26 10.36
C PRO C 22 -4.70 -21.78 10.73
N LEU C 23 -5.25 -21.47 11.89
CA LEU C 23 -5.21 -20.11 12.43
C LEU C 23 -3.81 -19.77 12.92
N SER C 24 -3.33 -18.60 12.53
CA SER C 24 -2.05 -18.09 13.00
C SER C 24 -2.14 -17.81 14.50
N PRO C 25 -1.08 -18.15 15.26
CA PRO C 25 -1.07 -17.92 16.71
C PRO C 25 -1.27 -16.44 17.05
N HIS C 26 -1.96 -16.18 18.16
CA HIS C 26 -2.28 -14.82 18.56
C HIS C 26 -1.81 -14.47 19.98
N ILE C 27 -2.40 -15.09 21.00
CA ILE C 27 -2.02 -14.80 22.39
C ILE C 27 -0.69 -15.45 22.79
N THR C 28 -0.34 -16.54 22.11
CA THR C 28 0.87 -17.29 22.43
C THR C 28 2.14 -16.63 21.90
N ILE C 29 1.99 -15.70 20.96
CA ILE C 29 3.15 -15.08 20.32
C ILE C 29 3.27 -13.56 20.48
N TYR C 30 2.14 -12.86 20.53
CA TYR C 30 2.15 -11.40 20.59
C TYR C 30 2.75 -10.90 21.89
N ARG C 31 3.61 -9.89 21.79
CA ARG C 31 4.37 -9.41 22.94
C ARG C 31 3.50 -8.54 23.84
N TRP C 32 3.65 -8.75 25.15
CA TRP C 32 2.87 -8.06 26.17
C TRP C 32 3.18 -6.56 26.23
N SER C 33 2.21 -5.79 26.71
CA SER C 33 2.38 -4.36 26.91
C SER C 33 1.50 -3.93 28.08
N LEU C 34 1.85 -2.81 28.70
CA LEU C 34 1.09 -2.29 29.85
C LEU C 34 -0.34 -1.87 29.50
N PRO C 35 -0.55 -1.14 28.37
CA PRO C 35 -1.91 -0.79 27.98
C PRO C 35 -2.83 -2.00 27.88
N MET C 36 -2.35 -3.06 27.24
CA MET C 36 -3.14 -4.27 27.04
C MET C 36 -3.40 -5.00 28.36
N ALA C 37 -2.38 -5.08 29.21
CA ALA C 37 -2.50 -5.74 30.50
C ALA C 37 -3.47 -5.00 31.40
N MET C 38 -3.49 -3.68 31.29
CA MET C 38 -4.39 -2.83 32.07
C MET C 38 -5.84 -2.87 31.56
N SER C 39 -6.00 -3.24 30.29
CA SER C 39 -7.32 -3.48 29.72
C SER C 39 -7.92 -4.78 30.25
N ILE C 40 -7.09 -5.81 30.36
CA ILE C 40 -7.50 -7.10 30.90
C ILE C 40 -7.91 -6.96 32.36
N CYS C 41 -7.11 -6.24 33.13
CA CYS C 41 -7.40 -6.00 34.55
C CYS C 41 -8.68 -5.21 34.75
N HIS C 42 -8.96 -4.26 33.86
CA HIS C 42 -10.19 -3.49 33.91
C HIS C 42 -11.44 -4.36 33.72
N ARG C 43 -11.31 -5.40 32.90
CA ARG C 43 -12.36 -6.41 32.74
C ARG C 43 -12.53 -7.25 33.99
N GLY C 44 -11.41 -7.81 34.47
CA GLY C 44 -11.37 -8.62 35.68
C GLY C 44 -11.97 -7.89 36.87
N THR C 45 -11.47 -6.67 37.12
CA THR C 45 -11.96 -5.84 38.20
C THR C 45 -13.44 -5.49 38.04
N GLY C 46 -13.88 -5.29 36.80
CA GLY C 46 -15.28 -5.05 36.48
C GLY C 46 -16.16 -6.24 36.81
N ILE C 47 -15.76 -7.41 36.29
CA ILE C 47 -16.48 -8.66 36.55
C ILE C 47 -16.50 -9.01 38.03
N ALA C 48 -15.34 -8.90 38.69
CA ALA C 48 -15.22 -9.19 40.13
C ALA C 48 -16.15 -8.32 40.98
N LEU C 49 -16.21 -7.04 40.65
CA LEU C 49 -17.07 -6.09 41.35
C LEU C 49 -18.56 -6.35 41.15
N SER C 50 -18.94 -6.74 39.93
CA SER C 50 -20.32 -7.10 39.63
C SER C 50 -20.73 -8.36 40.36
N ALA C 51 -19.81 -9.33 40.42
CA ALA C 51 -20.02 -10.56 41.16
C ALA C 51 -20.25 -10.26 42.65
N GLY C 52 -19.56 -9.24 43.15
CA GLY C 52 -19.70 -8.79 44.53
C GLY C 52 -21.05 -8.17 44.81
N VAL C 53 -21.44 -7.19 43.99
CA VAL C 53 -22.71 -6.47 44.14
C VAL C 53 -23.90 -7.42 44.03
N SER C 54 -23.83 -8.36 43.08
CA SER C 54 -24.87 -9.37 42.90
C SER C 54 -24.99 -10.29 44.12
N LEU C 55 -23.86 -10.86 44.55
CA LEU C 55 -23.84 -11.73 45.73
C LEU C 55 -24.37 -11.05 46.99
N PHE C 56 -24.08 -9.75 47.13
CA PHE C 56 -24.56 -8.97 48.27
C PHE C 56 -26.07 -8.76 48.22
N GLY C 57 -26.60 -8.50 47.03
CA GLY C 57 -28.03 -8.31 46.83
C GLY C 57 -28.81 -9.60 46.91
N LEU C 58 -28.27 -10.66 46.28
CA LEU C 58 -28.90 -11.97 46.25
C LEU C 58 -29.01 -12.60 47.65
N SER C 59 -27.97 -12.43 48.46
CA SER C 59 -27.96 -12.94 49.82
C SER C 59 -28.95 -12.21 50.74
N ALA C 60 -29.24 -10.94 50.40
CA ALA C 60 -30.23 -10.15 51.12
C ALA C 60 -31.65 -10.69 50.89
N LEU C 61 -31.88 -11.29 49.72
CA LEU C 61 -33.18 -11.86 49.37
C LEU C 61 -33.30 -13.33 49.75
N LEU C 62 -32.21 -14.08 49.63
CA LEU C 62 -32.26 -15.54 49.74
C LEU C 62 -31.80 -16.09 51.10
N LEU C 63 -30.86 -15.42 51.75
CA LEU C 63 -30.30 -15.91 53.01
C LEU C 63 -30.95 -15.28 54.25
N PRO C 64 -31.18 -16.10 55.30
CA PRO C 64 -31.84 -15.65 56.53
C PRO C 64 -31.00 -14.68 57.36
N GLY C 65 -31.66 -13.97 58.27
CA GLY C 65 -30.99 -13.03 59.19
C GLY C 65 -30.79 -11.66 58.57
N ASN C 66 -30.29 -10.74 59.40
CA ASN C 66 -29.98 -9.38 58.95
C ASN C 66 -28.47 -9.12 58.90
N PHE C 67 -28.09 -7.94 58.43
CA PHE C 67 -26.68 -7.58 58.26
C PHE C 67 -25.91 -7.52 59.59
N GLU C 68 -26.55 -7.00 60.63
CA GLU C 68 -25.95 -6.93 61.97
C GLU C 68 -25.57 -8.32 62.49
N SER C 69 -26.43 -9.30 62.20
CA SER C 69 -26.21 -10.69 62.58
C SER C 69 -25.00 -11.27 61.89
N HIS C 70 -24.86 -10.97 60.59
CA HIS C 70 -23.79 -11.51 59.77
C HIS C 70 -22.41 -10.96 60.14
N LEU C 71 -22.37 -9.74 60.67
CA LEU C 71 -21.12 -9.15 61.17
C LEU C 71 -20.63 -9.86 62.43
N GLU C 72 -21.56 -10.23 63.30
CA GLU C 72 -21.25 -10.97 64.52
C GLU C 72 -20.74 -12.37 64.19
N LEU C 73 -21.13 -12.89 63.03
CA LEU C 73 -20.71 -14.20 62.57
C LEU C 73 -19.26 -14.21 62.07
N VAL C 74 -18.77 -13.04 61.68
CA VAL C 74 -17.37 -12.88 61.25
C VAL C 74 -16.43 -12.97 62.46
N LYS C 75 -16.92 -12.50 63.62
CA LYS C 75 -16.16 -12.56 64.87
C LYS C 75 -16.33 -13.91 65.56
N SER C 76 -16.09 -15.00 64.83
CA SER C 76 -16.29 -16.35 65.37
C SER C 76 -14.96 -17.06 65.65
N LEU C 77 -14.27 -17.48 64.59
CA LEU C 77 -12.91 -18.00 64.69
C LEU C 77 -11.98 -16.97 64.04
N CYS C 78 -12.25 -15.71 64.36
CA CYS C 78 -11.57 -14.54 63.79
C CYS C 78 -10.10 -14.44 64.21
N LEU C 79 -9.33 -13.70 63.41
CA LEU C 79 -7.91 -13.47 63.71
C LEU C 79 -7.56 -11.97 63.74
N GLY C 80 -6.27 -11.68 63.86
CA GLY C 80 -5.76 -10.34 64.13
C GLY C 80 -6.10 -9.24 63.14
N PRO C 81 -5.87 -7.97 63.54
CA PRO C 81 -6.15 -6.79 62.72
C PRO C 81 -5.39 -6.77 61.40
N THR C 82 -4.26 -7.49 61.34
CA THR C 82 -3.48 -7.62 60.11
C THR C 82 -4.27 -8.40 59.05
N LEU C 83 -4.99 -9.43 59.49
CA LEU C 83 -5.82 -10.23 58.61
C LEU C 83 -7.11 -9.50 58.22
N ILE C 84 -7.56 -8.62 59.11
CA ILE C 84 -8.71 -7.74 58.82
C ILE C 84 -8.32 -6.66 57.81
N TYR C 85 -7.09 -6.16 57.93
CA TYR C 85 -6.54 -5.21 56.97
C TYR C 85 -6.43 -5.84 55.57
N THR C 86 -6.11 -7.13 55.53
CA THR C 86 -6.00 -7.90 54.29
C THR C 86 -7.35 -8.07 53.61
N ALA C 87 -8.40 -8.28 54.42
CA ALA C 87 -9.76 -8.42 53.92
C ALA C 87 -10.26 -7.11 53.31
N LYS C 88 -9.96 -5.99 53.97
CA LYS C 88 -10.34 -4.66 53.49
C LYS C 88 -9.57 -4.28 52.23
N PHE C 89 -8.28 -4.60 52.21
CA PHE C 89 -7.41 -4.32 51.07
C PHE C 89 -7.83 -5.14 49.84
N GLY C 90 -8.24 -6.38 50.08
CA GLY C 90 -8.68 -7.29 49.01
C GLY C 90 -9.99 -6.87 48.35
N ILE C 91 -10.79 -6.11 49.10
CA ILE C 91 -12.05 -5.58 48.59
C ILE C 91 -11.83 -4.23 47.91
N VAL C 92 -11.09 -3.35 48.57
CA VAL C 92 -10.92 -1.97 48.11
C VAL C 92 -9.94 -1.84 46.93
N PHE C 93 -9.03 -2.80 46.79
CA PHE C 93 -8.00 -2.77 45.73
C PHE C 93 -8.59 -2.82 44.30
N PRO C 94 -9.41 -3.84 43.99
CA PRO C 94 -9.97 -3.90 42.63
C PRO C 94 -10.96 -2.76 42.36
N LEU C 95 -11.60 -2.25 43.42
CA LEU C 95 -12.52 -1.12 43.30
C LEU C 95 -11.74 0.12 42.86
N MET C 96 -10.70 0.46 43.61
CA MET C 96 -9.87 1.62 43.33
C MET C 96 -9.24 1.56 41.94
N TYR C 97 -8.69 0.39 41.59
CA TYR C 97 -8.10 0.20 40.27
C TYR C 97 -9.09 0.52 39.15
N HIS C 98 -10.24 -0.17 39.19
CA HIS C 98 -11.30 0.02 38.21
C HIS C 98 -11.80 1.47 38.19
N THR C 99 -11.87 2.09 39.37
CA THR C 99 -12.32 3.48 39.50
C THR C 99 -11.38 4.45 38.78
N TRP C 100 -10.08 4.37 39.09
CA TRP C 100 -9.09 5.25 38.47
C TRP C 100 -8.94 4.98 36.98
N ASN C 101 -8.78 3.71 36.62
CA ASN C 101 -8.66 3.30 35.21
C ASN C 101 -9.91 3.64 34.40
N GLY C 102 -11.05 3.64 35.07
CA GLY C 102 -12.32 4.07 34.49
C GLY C 102 -12.34 5.55 34.16
N ILE C 103 -11.82 6.37 35.06
CA ILE C 103 -11.63 7.80 34.81
C ILE C 103 -10.77 7.99 33.54
N ARG C 104 -9.67 7.23 33.47
CA ARG C 104 -8.78 7.22 32.31
C ARG C 104 -9.54 6.85 31.04
N HIS C 105 -10.43 5.87 31.13
CA HIS C 105 -11.29 5.49 30.03
C HIS C 105 -12.20 6.64 29.58
N LEU C 106 -12.75 7.38 30.55
CA LEU C 106 -13.63 8.51 30.26
C LEU C 106 -12.89 9.66 29.59
N ILE C 107 -11.68 9.93 30.05
CA ILE C 107 -10.80 10.93 29.44
C ILE C 107 -10.48 10.55 27.99
N TRP C 108 -10.31 9.24 27.74
CA TRP C 108 -10.10 8.71 26.40
C TRP C 108 -11.31 8.96 25.49
N ASP C 109 -12.50 8.82 26.05
CA ASP C 109 -13.75 9.00 25.29
C ASP C 109 -13.96 10.46 24.89
N LEU C 110 -13.41 11.38 25.68
CA LEU C 110 -13.40 12.80 25.34
C LEU C 110 -12.41 13.10 24.20
N GLY C 111 -11.56 12.12 23.88
CA GLY C 111 -10.62 12.23 22.77
C GLY C 111 -9.21 12.65 23.17
N LYS C 112 -8.93 12.62 24.48
CA LYS C 112 -7.67 13.13 25.02
C LYS C 112 -6.76 12.05 25.59
N GLY C 113 -5.46 12.29 25.51
CA GLY C 113 -4.45 11.40 26.08
C GLY C 113 -4.22 10.10 25.33
N LEU C 114 -4.57 10.09 24.04
CA LEU C 114 -4.55 8.86 23.25
C LEU C 114 -3.29 8.67 22.39
N THR C 115 -2.14 9.05 22.93
CA THR C 115 -0.87 8.79 22.26
C THR C 115 -0.07 7.77 23.07
N ILE C 116 0.85 7.08 22.41
CA ILE C 116 1.66 6.01 23.04
C ILE C 116 2.45 6.48 24.27
N PRO C 117 3.09 7.68 24.21
CA PRO C 117 3.72 8.17 25.44
C PRO C 117 2.72 8.47 26.55
N GLN C 118 1.56 9.04 26.18
CA GLN C 118 0.52 9.40 27.15
C GLN C 118 -0.13 8.19 27.81
N LEU C 119 -0.24 7.09 27.05
CA LEU C 119 -0.75 5.83 27.57
C LEU C 119 0.12 5.29 28.68
N THR C 120 1.44 5.23 28.44
CA THR C 120 2.39 4.71 29.41
C THR C 120 2.44 5.60 30.67
N GLN C 121 2.35 6.91 30.49
CA GLN C 121 2.28 7.86 31.59
C GLN C 121 1.02 7.65 32.45
N SER C 122 -0.14 7.90 31.85
CA SER C 122 -1.43 7.74 32.54
C SER C 122 -1.63 6.34 33.10
N GLY C 123 -1.02 5.34 32.46
CA GLY C 123 -1.04 3.97 32.93
C GLY C 123 -0.32 3.82 34.26
N VAL C 124 0.87 4.39 34.35
CA VAL C 124 1.64 4.39 35.59
C VAL C 124 0.95 5.24 36.66
N VAL C 125 0.39 6.39 36.27
CA VAL C 125 -0.33 7.27 37.19
C VAL C 125 -1.53 6.57 37.83
N VAL C 126 -2.29 5.82 37.03
CA VAL C 126 -3.41 5.02 37.53
C VAL C 126 -2.90 3.93 38.49
N LEU C 127 -1.85 3.23 38.07
CA LEU C 127 -1.25 2.16 38.84
C LEU C 127 -0.77 2.63 40.23
N ILE C 128 -0.14 3.80 40.26
CA ILE C 128 0.33 4.43 41.51
C ILE C 128 -0.84 4.90 42.39
N LEU C 129 -1.81 5.56 41.76
CA LEU C 129 -3.02 6.04 42.45
C LEU C 129 -3.87 4.90 43.05
N THR C 130 -3.82 3.73 42.42
CA THR C 130 -4.50 2.55 42.93
C THR C 130 -3.91 2.11 44.26
N VAL C 131 -2.58 1.95 44.31
CA VAL C 131 -1.88 1.50 45.51
C VAL C 131 -2.07 2.48 46.69
N LEU C 132 -1.98 3.77 46.41
CA LEU C 132 -2.11 4.81 47.44
C LEU C 132 -3.51 4.88 48.05
N SER C 133 -4.53 4.91 47.19
CA SER C 133 -5.92 4.96 47.64
C SER C 133 -6.38 3.63 48.24
N SER C 134 -5.66 2.55 47.94
CA SER C 134 -5.95 1.23 48.51
C SER C 134 -5.33 1.09 49.91
N VAL C 135 -4.19 1.72 50.12
CA VAL C 135 -3.55 1.77 51.43
C VAL C 135 -4.30 2.77 52.32
N GLY C 136 -4.66 3.91 51.72
CA GLY C 136 -5.36 4.99 52.42
C GLY C 136 -6.75 4.66 52.94
N LEU C 137 -7.55 3.96 52.12
CA LEU C 137 -8.91 3.59 52.51
C LEU C 137 -8.97 2.42 53.48
N ALA C 138 -8.06 1.46 53.33
CA ALA C 138 -8.01 0.30 54.22
C ALA C 138 -7.55 0.65 55.64
N ALA C 139 -6.99 1.85 55.80
CA ALA C 139 -6.48 2.32 57.09
C ALA C 139 -7.48 3.21 57.85
N MET C 140 -8.64 3.45 57.24
CA MET C 140 -9.70 4.26 57.86
C MET C 140 -10.55 3.44 58.81
N SER D 2 -33.99 5.73 10.10
CA SER D 2 -32.58 5.48 10.54
C SER D 2 -32.42 5.75 12.05
N SER D 3 -32.86 4.78 12.85
CA SER D 3 -32.76 4.87 14.31
C SER D 3 -31.31 4.78 14.78
N LYS D 4 -31.00 5.48 15.87
CA LYS D 4 -29.64 5.50 16.39
C LYS D 4 -29.53 5.01 17.85
N ALA D 5 -29.83 3.72 18.03
CA ALA D 5 -29.82 3.07 19.34
C ALA D 5 -28.41 2.72 19.82
N ALA D 6 -27.55 2.33 18.89
CA ALA D 6 -26.17 1.94 19.20
C ALA D 6 -25.37 3.09 19.81
N SER D 7 -25.56 4.29 19.27
CA SER D 7 -24.87 5.48 19.78
C SER D 7 -25.51 6.01 21.06
N LEU D 8 -26.82 5.87 21.18
CA LEU D 8 -27.53 6.28 22.39
C LEU D 8 -27.14 5.41 23.59
N HIS D 9 -27.04 4.10 23.36
CA HIS D 9 -26.64 3.15 24.40
C HIS D 9 -25.24 3.50 24.92
N TRP D 10 -24.33 3.77 24.00
CA TRP D 10 -22.97 4.19 24.32
C TRP D 10 -22.96 5.45 25.18
N THR D 11 -23.72 6.46 24.76
CA THR D 11 -23.83 7.71 25.52
C THR D 11 -24.42 7.44 26.90
N GLY D 12 -25.44 6.57 26.94
CA GLY D 12 -26.05 6.14 28.20
C GLY D 12 -25.03 5.56 29.16
N GLU D 13 -24.13 4.73 28.63
CA GLU D 13 -23.09 4.09 29.43
C GLU D 13 -22.17 5.11 30.13
N ARG D 14 -21.68 6.09 29.36
CA ARG D 14 -20.78 7.12 29.89
C ARG D 14 -21.51 8.05 30.86
N VAL D 15 -22.81 8.24 30.64
CA VAL D 15 -23.64 9.07 31.51
C VAL D 15 -23.76 8.43 32.91
N VAL D 16 -24.02 7.13 32.97
CA VAL D 16 -24.10 6.44 34.27
C VAL D 16 -22.73 6.17 34.88
N SER D 17 -21.68 6.18 34.05
CA SER D 17 -20.31 6.09 34.53
C SER D 17 -19.94 7.31 35.36
N VAL D 18 -20.17 8.51 34.82
CA VAL D 18 -19.88 9.76 35.54
C VAL D 18 -20.83 9.97 36.71
N LEU D 19 -22.02 9.39 36.61
CA LEU D 19 -23.00 9.43 37.69
C LEU D 19 -22.49 8.62 38.89
N LEU D 20 -22.06 7.40 38.61
CA LEU D 20 -21.51 6.50 39.63
C LEU D 20 -20.22 7.04 40.26
N LEU D 21 -19.42 7.72 39.44
CA LEU D 21 -18.20 8.37 39.91
C LEU D 21 -18.51 9.53 40.85
N GLY D 22 -19.57 10.29 40.52
CA GLY D 22 -20.01 11.39 41.37
C GLY D 22 -20.66 10.91 42.65
N LEU D 23 -21.28 9.73 42.59
CA LEU D 23 -22.02 9.16 43.72
C LEU D 23 -21.17 8.63 44.86
N LEU D 24 -20.06 7.97 44.54
CA LEU D 24 -19.19 7.37 45.55
C LEU D 24 -18.72 8.36 46.63
N PRO D 25 -18.20 9.54 46.24
CA PRO D 25 -17.85 10.51 47.27
C PRO D 25 -19.08 11.19 47.87
N ALA D 26 -20.14 11.34 47.07
CA ALA D 26 -21.40 11.92 47.55
C ALA D 26 -22.01 11.07 48.66
N ALA D 27 -21.88 9.75 48.53
CA ALA D 27 -22.32 8.80 49.55
C ALA D 27 -21.48 8.90 50.82
N TYR D 28 -20.18 9.11 50.65
CA TYR D 28 -19.26 9.31 51.77
C TYR D 28 -19.60 10.59 52.54
N LEU D 29 -19.80 11.68 51.80
CA LEU D 29 -20.04 12.99 52.38
C LEU D 29 -21.46 13.11 52.96
N ASN D 30 -22.44 12.60 52.22
CA ASN D 30 -23.83 12.64 52.65
C ASN D 30 -24.46 11.24 52.63
N PRO D 31 -24.20 10.43 53.68
CA PRO D 31 -24.76 9.08 53.76
C PRO D 31 -26.19 9.09 54.28
N CYS D 32 -27.14 8.88 53.37
CA CYS D 32 -28.55 8.88 53.71
C CYS D 32 -29.30 7.83 52.88
N SER D 33 -30.57 7.64 53.20
CA SER D 33 -31.44 6.70 52.48
C SER D 33 -31.55 7.05 50.99
N ALA D 34 -31.72 8.34 50.71
CA ALA D 34 -31.86 8.84 49.34
C ALA D 34 -30.67 8.49 48.45
N MET D 35 -29.49 8.41 49.06
CA MET D 35 -28.27 8.05 48.36
C MET D 35 -28.16 6.53 48.17
N ASP D 36 -28.76 5.78 49.09
CA ASP D 36 -28.71 4.31 49.04
C ASP D 36 -29.43 3.73 47.83
N TYR D 37 -30.56 4.33 47.46
CA TYR D 37 -31.32 3.89 46.30
C TYR D 37 -30.66 4.31 44.98
N SER D 38 -30.12 5.52 44.95
CA SER D 38 -29.37 6.02 43.79
C SER D 38 -28.17 5.12 43.50
N LEU D 39 -27.47 4.75 44.57
CA LEU D 39 -26.32 3.86 44.50
C LEU D 39 -26.72 2.47 44.00
N ALA D 40 -27.89 2.00 44.44
CA ALA D 40 -28.43 0.72 43.98
C ALA D 40 -28.81 0.78 42.50
N ALA D 41 -29.37 1.90 42.07
CA ALA D 41 -29.75 2.12 40.68
C ALA D 41 -28.51 2.20 39.78
N ALA D 42 -27.53 2.99 40.21
CA ALA D 42 -26.30 3.18 39.44
C ALA D 42 -25.45 1.93 39.35
N LEU D 43 -25.16 1.30 40.50
CA LEU D 43 -24.39 0.06 40.56
C LEU D 43 -24.94 -1.04 39.66
N THR D 44 -26.25 -1.30 39.76
CA THR D 44 -26.89 -2.38 39.01
C THR D 44 -26.91 -2.11 37.50
N LEU D 45 -27.28 -0.89 37.12
CA LEU D 45 -27.38 -0.51 35.70
C LEU D 45 -26.01 -0.54 35.01
N HIS D 46 -25.02 0.06 35.67
CA HIS D 46 -23.66 0.12 35.14
C HIS D 46 -23.08 -1.29 34.98
N GLY D 47 -23.31 -2.11 36.00
CA GLY D 47 -22.86 -3.51 35.99
C GLY D 47 -23.57 -4.34 34.93
N HIS D 48 -24.88 -4.12 34.80
CA HIS D 48 -25.71 -4.83 33.82
C HIS D 48 -25.24 -4.58 32.38
N TRP D 49 -24.95 -3.31 32.07
CA TRP D 49 -24.45 -2.92 30.75
C TRP D 49 -23.01 -3.37 30.54
N GLY D 50 -22.24 -3.39 31.62
CA GLY D 50 -20.84 -3.83 31.58
C GLY D 50 -20.71 -5.30 31.19
N ILE D 51 -21.34 -6.17 31.97
CA ILE D 51 -21.39 -7.61 31.66
C ILE D 51 -22.01 -7.84 30.27
N GLY D 52 -22.97 -6.99 29.89
CA GLY D 52 -23.54 -7.00 28.55
C GLY D 52 -22.50 -6.94 27.45
N GLN D 53 -21.50 -6.09 27.64
CA GLN D 53 -20.39 -5.95 26.69
C GLN D 53 -19.52 -7.21 26.67
N VAL D 54 -19.26 -7.77 27.84
CA VAL D 54 -18.48 -9.00 27.97
C VAL D 54 -19.18 -10.16 27.26
N VAL D 55 -20.50 -10.22 27.39
CA VAL D 55 -21.32 -11.25 26.74
C VAL D 55 -21.28 -11.10 25.21
N THR D 56 -21.52 -9.89 24.71
CA THR D 56 -21.52 -9.63 23.26
C THR D 56 -20.15 -9.86 22.61
N ASP D 57 -19.10 -9.83 23.42
CA ASP D 57 -17.73 -10.04 22.96
C ASP D 57 -17.36 -11.53 22.81
N TYR D 58 -17.76 -12.33 23.80
CA TYR D 58 -17.35 -13.75 23.85
C TYR D 58 -18.41 -14.77 23.47
N VAL D 59 -19.66 -14.53 23.87
CA VAL D 59 -20.73 -15.50 23.63
C VAL D 59 -21.12 -15.54 22.15
N ARG D 60 -20.59 -16.52 21.43
CA ARG D 60 -20.79 -16.66 19.99
C ARG D 60 -22.03 -17.48 19.68
N GLY D 61 -22.81 -17.02 18.70
CA GLY D 61 -24.06 -17.68 18.32
C GLY D 61 -25.26 -16.87 18.73
N ASP D 62 -26.22 -16.75 17.81
CA ASP D 62 -27.46 -16.00 18.04
C ASP D 62 -28.34 -16.65 19.12
N ALA D 63 -28.37 -17.98 19.13
CA ALA D 63 -29.15 -18.75 20.11
C ALA D 63 -28.62 -18.56 21.54
N LEU D 64 -27.31 -18.74 21.72
CA LEU D 64 -26.67 -18.63 23.03
C LEU D 64 -26.63 -17.20 23.57
N GLN D 65 -26.39 -16.23 22.69
CA GLN D 65 -26.28 -14.83 23.11
C GLN D 65 -27.60 -14.28 23.63
N LYS D 66 -28.70 -14.69 23.00
CA LYS D 66 -30.04 -14.32 23.46
C LYS D 66 -30.32 -14.91 24.84
N ALA D 67 -29.85 -16.14 25.05
CA ALA D 67 -30.01 -16.86 26.32
C ALA D 67 -29.18 -16.23 27.44
N ALA D 68 -27.93 -15.89 27.12
CA ALA D 68 -27.03 -15.25 28.07
C ALA D 68 -27.53 -13.86 28.48
N LYS D 69 -28.10 -13.13 27.53
CA LYS D 69 -28.69 -11.82 27.78
C LYS D 69 -29.93 -11.90 28.67
N ALA D 70 -30.68 -12.99 28.55
CA ALA D 70 -31.85 -13.24 29.40
C ALA D 70 -31.41 -13.62 30.82
N GLY D 71 -30.43 -14.50 30.92
CA GLY D 71 -29.83 -14.90 32.19
C GLY D 71 -29.16 -13.76 32.93
N LEU D 72 -28.61 -12.81 32.18
CA LEU D 72 -28.06 -11.59 32.76
C LEU D 72 -29.17 -10.65 33.21
N LEU D 73 -30.22 -10.52 32.41
CA LEU D 73 -31.36 -9.68 32.74
C LEU D 73 -31.97 -10.09 34.08
N ALA D 74 -32.17 -11.39 34.26
CA ALA D 74 -32.70 -11.94 35.50
C ALA D 74 -31.77 -11.68 36.69
N LEU D 75 -30.49 -11.95 36.50
CA LEU D 75 -29.46 -11.74 37.52
C LEU D 75 -29.38 -10.27 37.95
N SER D 76 -29.52 -9.36 36.98
CA SER D 76 -29.54 -7.92 37.27
C SER D 76 -30.83 -7.51 37.96
N ALA D 77 -31.94 -8.11 37.54
CA ALA D 77 -33.25 -7.83 38.14
C ALA D 77 -33.27 -8.24 39.62
N PHE D 78 -32.74 -9.42 39.92
CA PHE D 78 -32.63 -9.91 41.29
C PHE D 78 -31.68 -9.04 42.14
N THR D 79 -30.60 -8.57 41.51
CA THR D 79 -29.61 -7.74 42.18
C THR D 79 -30.22 -6.41 42.65
N PHE D 80 -30.91 -5.71 41.75
CA PHE D 80 -31.52 -4.42 42.10
C PHE D 80 -32.61 -4.55 43.15
N ALA D 81 -33.41 -5.62 43.05
CA ALA D 81 -34.43 -5.91 44.05
C ALA D 81 -33.82 -6.19 45.42
N GLY D 82 -32.77 -7.02 45.43
CA GLY D 82 -32.05 -7.37 46.65
C GLY D 82 -31.47 -6.17 47.38
N LEU D 83 -30.88 -5.25 46.63
CA LEU D 83 -30.33 -4.02 47.20
C LEU D 83 -31.42 -3.12 47.76
N CYS D 84 -32.50 -2.95 47.00
CA CYS D 84 -33.65 -2.16 47.43
C CYS D 84 -34.29 -2.75 48.68
N TYR D 85 -34.41 -4.08 48.72
CA TYR D 85 -34.89 -4.79 49.89
C TYR D 85 -33.99 -4.51 51.09
N PHE D 86 -32.68 -4.51 50.85
CA PHE D 86 -31.69 -4.22 51.88
C PHE D 86 -31.85 -2.79 52.39
N ASN D 87 -32.04 -1.84 51.47
CA ASN D 87 -32.21 -0.43 51.80
C ASN D 87 -33.49 -0.14 52.59
N TYR D 88 -34.55 -0.88 52.29
CA TYR D 88 -35.85 -0.70 52.92
C TYR D 88 -35.90 -1.38 54.29
N HIS D 89 -35.49 -2.65 54.34
CA HIS D 89 -35.69 -3.50 55.52
C HIS D 89 -34.49 -3.63 56.44
N ASP D 90 -33.28 -3.54 55.88
CA ASP D 90 -32.07 -3.59 56.68
C ASP D 90 -31.49 -2.18 56.85
N VAL D 91 -30.19 -2.11 57.10
CA VAL D 91 -29.55 -0.86 57.55
C VAL D 91 -29.18 0.10 56.42
N GLY D 92 -29.18 -0.40 55.18
CA GLY D 92 -28.88 0.44 54.00
C GLY D 92 -27.41 0.42 53.63
N ILE D 93 -27.13 0.49 52.32
CA ILE D 93 -25.76 0.35 51.80
C ILE D 93 -24.73 1.22 52.53
N CYS D 94 -25.01 2.53 52.62
CA CYS D 94 -24.08 3.47 53.24
C CYS D 94 -23.73 3.11 54.69
N LYS D 95 -24.75 2.79 55.49
CA LYS D 95 -24.54 2.40 56.88
C LYS D 95 -23.87 1.03 57.00
N ALA D 96 -24.15 0.14 56.04
CA ALA D 96 -23.59 -1.21 56.03
C ALA D 96 -22.07 -1.20 55.80
N VAL D 97 -21.62 -0.34 54.89
CA VAL D 97 -20.20 -0.15 54.63
C VAL D 97 -19.54 0.47 55.87
N ALA D 98 -20.24 1.42 56.49
CA ALA D 98 -19.77 2.10 57.68
C ALA D 98 -19.51 1.14 58.84
N MET D 99 -20.42 0.20 59.04
CA MET D 99 -20.30 -0.81 60.08
C MET D 99 -19.16 -1.78 59.78
N LEU D 100 -19.15 -2.30 58.57
CA LEU D 100 -18.16 -3.28 58.11
C LEU D 100 -16.72 -2.76 58.22
N TRP D 101 -16.54 -1.46 58.00
CA TRP D 101 -15.20 -0.87 57.94
C TRP D 101 -14.56 -0.63 59.30
N LYS D 102 -15.38 -0.30 60.30
CA LYS D 102 -14.88 -0.20 61.68
C LYS D 102 -14.99 -1.56 62.39
N LEU D 103 -14.31 -2.55 61.83
CA LEU D 103 -14.33 -3.91 62.35
C LEU D 103 -12.94 -4.29 62.90
#